data_5HA9
#
_entry.id   5HA9
#
_cell.length_a   48.000
_cell.length_b   92.431
_cell.length_c   162.932
_cell.angle_alpha   90.000
_cell.angle_beta   90.000
_cell.angle_gamma   90.000
#
_symmetry.space_group_name_H-M   'P 21 21 21'
#
loop_
_entity.id
_entity.type
_entity.pdbx_description
1 polymer 'Poly [ADP-ribose] polymerase 1'
2 non-polymer GLYCEROL
3 non-polymer 'SULFATE ION'
4 non-polymer Amitriptyline
#
_entity_poly.entity_id   1
_entity_poly.type   'polypeptide(L)'
_entity_poly.pdbx_seq_one_letter_code
;MKSKLPKPVQDLIKMIFDVESMKKAMVEYEIDLQKMPLGKLSKRQIQAAYSILSEVQQAVSQGSSDSQILDLSNRFYTLI
PHDFGMKKPPLLNNADSVQAKVEMLDNLLDIEVAYSLLRGGSDDSSKDPIDVNYEKLKTDIKVVDRDSEEAEIIRKYVKN
THATTHNAYDLEVIDIFKIEREGECQRYKPFKQLHNRRLLWHGSRTTNFAGILSQGLRIAPPEAPVTGYMFGKGIYFADM
VSKSANYCHTSQGDPIGLILLGEVALGNMYELKHASHISKLPKGKHSVKGLGKTTPDPSANISLDGVDVPLGTGISSGVN
DTSLLYNEYIVYDIAQVNLKYLLKLKFNFKT
;
_entity_poly.pdbx_strand_id   A,B
#
loop_
_chem_comp.id
_chem_comp.type
_chem_comp.name
_chem_comp.formula
GOL non-polymer GLYCEROL 'C3 H8 O3'
SO4 non-polymer 'SULFATE ION' 'O4 S -2'
TP0 non-polymer Amitriptyline 'C20 H23 N'
#
# COMPACT_ATOMS: atom_id res chain seq x y z
N MET A 1 -25.58 -50.49 2.08
CA MET A 1 -25.39 -49.96 0.70
C MET A 1 -24.10 -49.14 0.59
N LYS A 2 -23.75 -48.78 -0.65
CA LYS A 2 -22.60 -47.92 -0.93
C LYS A 2 -22.96 -46.85 -1.95
N SER A 3 -22.16 -45.79 -1.99
CA SER A 3 -22.47 -44.58 -2.77
C SER A 3 -22.72 -44.88 -4.24
N LYS A 4 -23.76 -44.25 -4.79
CA LYS A 4 -24.12 -44.38 -6.20
C LYS A 4 -23.92 -43.06 -6.96
N LEU A 5 -22.98 -42.24 -6.49
CA LEU A 5 -22.64 -40.98 -7.13
C LEU A 5 -21.56 -41.23 -8.18
N PRO A 6 -21.43 -40.34 -9.17
CA PRO A 6 -20.35 -40.43 -10.16
C PRO A 6 -18.98 -40.65 -9.51
N LYS A 7 -18.13 -41.44 -10.17
CA LYS A 7 -16.87 -41.88 -9.56
C LYS A 7 -15.86 -40.76 -9.30
N PRO A 8 -15.68 -39.83 -10.26
CA PRO A 8 -14.79 -38.71 -9.98
C PRO A 8 -15.33 -37.77 -8.90
N VAL A 9 -16.64 -37.70 -8.77
CA VAL A 9 -17.28 -36.90 -7.72
C VAL A 9 -16.98 -37.49 -6.35
N GLN A 10 -17.01 -38.84 -6.26
CA GLN A 10 -16.63 -39.52 -5.03
C GLN A 10 -15.18 -39.23 -4.65
N ASP A 11 -14.29 -39.31 -5.65
CA ASP A 11 -12.85 -39.01 -5.44
C ASP A 11 -12.69 -37.61 -4.87
N LEU A 12 -13.40 -36.65 -5.47
CA LEU A 12 -13.41 -35.26 -5.02
C LEU A 12 -13.82 -35.12 -3.56
N ILE A 13 -14.85 -35.85 -3.14
CA ILE A 13 -15.34 -35.80 -1.77
C ILE A 13 -14.26 -36.22 -0.78
N LYS A 14 -13.63 -37.37 -1.03
CA LYS A 14 -12.57 -37.88 -0.16
C LYS A 14 -11.30 -37.01 -0.15
N MET A 15 -11.22 -36.08 -1.09
CA MET A 15 -10.06 -35.20 -1.23
C MET A 15 -10.16 -34.03 -0.25
N ILE A 16 -11.28 -33.32 -0.29
CA ILE A 16 -11.47 -32.13 0.53
C ILE A 16 -11.83 -32.49 1.97
N PHE A 17 -12.57 -33.59 2.14
CA PHE A 17 -12.82 -34.17 3.46
C PHE A 17 -11.74 -35.22 3.73
N ASP A 18 -10.51 -34.75 3.89
CA ASP A 18 -9.37 -35.62 4.14
C ASP A 18 -8.67 -35.17 5.41
N VAL A 19 -8.64 -36.06 6.40
CA VAL A 19 -8.07 -35.74 7.71
C VAL A 19 -6.57 -35.56 7.60
N GLU A 20 -5.89 -36.57 7.05
CA GLU A 20 -4.44 -36.56 6.97
C GLU A 20 -3.91 -35.40 6.12
N SER A 21 -4.73 -34.90 5.19
CA SER A 21 -4.41 -33.66 4.49
C SER A 21 -4.39 -32.49 5.46
N MET A 22 -5.40 -32.40 6.31
CA MET A 22 -5.54 -31.31 7.28
C MET A 22 -4.41 -31.30 8.30
N LYS A 23 -4.11 -32.47 8.88
CA LYS A 23 -3.01 -32.59 9.84
C LYS A 23 -1.66 -32.30 9.18
N LYS A 24 -1.50 -32.70 7.92
CA LYS A 24 -0.29 -32.42 7.15
C LYS A 24 -0.12 -30.92 6.88
N ALA A 25 -1.23 -30.23 6.65
CA ALA A 25 -1.21 -28.78 6.38
C ALA A 25 -0.68 -28.00 7.58
N MET A 26 -1.14 -28.35 8.77
CA MET A 26 -0.67 -27.71 10.00
C MET A 26 0.83 -27.94 10.20
N VAL A 27 1.30 -29.13 9.82
CA VAL A 27 2.73 -29.47 9.89
C VAL A 27 3.55 -28.68 8.87
N GLU A 28 2.99 -28.42 7.68
CA GLU A 28 3.66 -27.57 6.69
C GLU A 28 3.92 -26.16 7.23
N TYR A 29 3.02 -25.68 8.08
CA TYR A 29 3.22 -24.41 8.78
C TYR A 29 3.99 -24.60 10.09
N GLU A 30 4.54 -25.79 10.29
CA GLU A 30 5.48 -26.07 11.38
C GLU A 30 4.84 -25.83 12.74
N ILE A 31 3.68 -26.45 12.93
CA ILE A 31 2.86 -26.26 14.11
C ILE A 31 2.93 -27.49 15.01
N ASP A 32 2.99 -27.26 16.32
CA ASP A 32 3.06 -28.32 17.31
C ASP A 32 1.70 -29.00 17.45
N LEU A 33 1.59 -30.22 16.94
CA LEU A 33 0.33 -30.97 17.02
C LEU A 33 0.06 -31.55 18.41
N GLN A 34 1.10 -31.65 19.24
CA GLN A 34 0.95 -32.20 20.58
C GLN A 34 0.29 -31.18 21.49
N LYS A 35 0.85 -29.97 21.50
CA LYS A 35 0.27 -28.85 22.26
C LYS A 35 -1.05 -28.40 21.66
N MET A 36 -1.12 -28.36 20.33
CA MET A 36 -2.33 -27.94 19.63
C MET A 36 -2.75 -28.99 18.59
N PRO A 37 -3.55 -29.98 19.00
CA PRO A 37 -4.08 -30.94 18.03
C PRO A 37 -5.15 -30.33 17.14
N LEU A 38 -5.59 -31.09 16.15
CA LEU A 38 -6.64 -30.64 15.24
C LEU A 38 -7.94 -30.35 16.00
N GLY A 39 -8.23 -31.19 17.00
CA GLY A 39 -9.45 -31.05 17.79
C GLY A 39 -9.57 -29.73 18.52
N LYS A 40 -8.49 -29.27 19.14
CA LYS A 40 -8.52 -28.08 20.00
C LYS A 40 -8.43 -26.75 19.24
N LEU A 41 -8.24 -26.82 17.92
CA LEU A 41 -8.35 -25.64 17.06
C LEU A 41 -9.77 -25.06 17.13
N SER A 42 -9.89 -23.74 17.07
CA SER A 42 -11.20 -23.09 17.13
C SER A 42 -11.26 -21.79 16.32
N LYS A 43 -12.48 -21.27 16.17
CA LYS A 43 -12.75 -20.10 15.33
C LYS A 43 -12.21 -18.81 15.94
N ARG A 44 -12.50 -18.59 17.22
CA ARG A 44 -12.11 -17.37 17.91
C ARG A 44 -10.61 -17.30 18.22
N GLN A 45 -9.99 -18.45 18.49
CA GLN A 45 -8.54 -18.55 18.62
C GLN A 45 -7.86 -17.83 17.47
N ILE A 46 -8.40 -18.03 16.28
CA ILE A 46 -7.87 -17.43 15.05
C ILE A 46 -8.21 -15.94 15.01
N GLN A 47 -9.44 -15.59 15.36
CA GLN A 47 -9.87 -14.19 15.45
C GLN A 47 -8.92 -13.40 16.34
N ALA A 48 -8.50 -14.02 17.44
CA ALA A 48 -7.53 -13.43 18.35
C ALA A 48 -6.17 -13.29 17.68
N ALA A 49 -5.75 -14.35 16.99
CA ALA A 49 -4.51 -14.31 16.21
C ALA A 49 -4.56 -13.16 15.21
N TYR A 50 -5.71 -13.00 14.55
CA TYR A 50 -5.91 -11.88 13.62
C TYR A 50 -5.75 -10.53 14.31
N SER A 51 -6.32 -10.40 15.51
CA SER A 51 -6.18 -9.17 16.29
C SER A 51 -4.73 -8.89 16.65
N ILE A 52 -3.96 -9.94 16.95
CA ILE A 52 -2.52 -9.80 17.18
C ILE A 52 -1.83 -9.24 15.92
N LEU A 53 -2.28 -9.67 14.75
CA LEU A 53 -1.75 -9.13 13.49
C LEU A 53 -2.22 -7.70 13.28
N SER A 54 -3.50 -7.45 13.52
CA SER A 54 -4.04 -6.10 13.46
C SER A 54 -3.30 -5.16 14.42
N GLU A 55 -2.92 -5.69 15.57
CA GLU A 55 -2.14 -4.92 16.55
C GLU A 55 -0.82 -4.47 15.94
N VAL A 56 -0.09 -5.40 15.35
CA VAL A 56 1.22 -5.10 14.77
C VAL A 56 1.11 -4.11 13.61
N GLN A 57 0.05 -4.26 12.80
CA GLN A 57 -0.24 -3.32 11.73
C GLN A 57 -0.27 -1.90 12.27
N GLN A 58 -1.09 -1.68 13.29
CA GLN A 58 -1.18 -0.36 13.91
C GLN A 58 0.15 0.01 14.53
N ALA A 59 0.77 -0.94 15.23
CA ALA A 59 2.03 -0.71 15.94
C ALA A 59 3.14 -0.14 15.06
N VAL A 60 3.19 -0.55 13.79
CA VAL A 60 4.20 -0.08 12.87
C VAL A 60 3.93 1.34 12.39
N SER A 61 2.71 1.60 11.94
CA SER A 61 2.33 2.92 11.43
C SER A 61 2.14 3.93 12.56
N GLN A 62 1.31 3.56 13.55
CA GLN A 62 1.04 4.44 14.69
C GLN A 62 2.25 4.50 15.63
N GLY A 63 3.27 5.26 15.23
CA GLY A 63 4.46 5.45 16.05
C GLY A 63 5.50 4.36 15.92
N SER A 64 6.53 4.44 16.75
CA SER A 64 7.66 3.51 16.72
C SER A 64 7.84 2.80 18.06
N SER A 65 7.02 1.78 18.30
CA SER A 65 7.15 0.95 19.50
C SER A 65 7.56 -0.47 19.10
N ASP A 66 8.84 -0.62 18.79
CA ASP A 66 9.39 -1.89 18.33
C ASP A 66 9.51 -2.92 19.46
N SER A 67 9.56 -2.44 20.70
CA SER A 67 9.55 -3.30 21.87
C SER A 67 8.28 -4.13 21.91
N GLN A 68 7.13 -3.46 21.84
CA GLN A 68 5.84 -4.13 21.85
C GLN A 68 5.69 -5.09 20.68
N ILE A 69 6.22 -4.69 19.52
CA ILE A 69 6.16 -5.52 18.31
C ILE A 69 6.73 -6.92 18.54
N LEU A 70 7.79 -7.02 19.34
CA LEU A 70 8.34 -8.31 19.72
C LEU A 70 7.40 -9.08 20.62
N ASP A 71 6.91 -8.41 21.65
CA ASP A 71 6.05 -9.03 22.66
C ASP A 71 4.75 -9.56 22.07
N LEU A 72 4.27 -8.93 21.00
CA LEU A 72 3.08 -9.38 20.28
C LEU A 72 3.42 -10.52 19.33
N SER A 73 4.59 -10.42 18.69
CA SER A 73 5.11 -11.48 17.82
C SER A 73 5.32 -12.76 18.61
N ASN A 74 5.93 -12.62 19.80
CA ASN A 74 6.11 -13.74 20.71
C ASN A 74 4.77 -14.26 21.21
N ARG A 75 3.83 -13.35 21.47
CA ARG A 75 2.48 -13.71 21.92
C ARG A 75 1.72 -14.52 20.86
N PHE A 76 1.99 -14.23 19.59
CA PHE A 76 1.40 -14.99 18.48
C PHE A 76 1.77 -16.46 18.58
N TYR A 77 3.07 -16.74 18.72
CA TYR A 77 3.57 -18.11 18.80
C TYR A 77 3.10 -18.82 20.06
N THR A 78 2.85 -18.05 21.12
CA THR A 78 2.21 -18.58 22.33
C THR A 78 0.77 -18.99 22.01
N LEU A 79 0.07 -18.13 21.28
CA LEU A 79 -1.32 -18.38 20.89
C LEU A 79 -1.42 -19.61 19.97
N ILE A 80 -0.53 -19.66 18.97
CA ILE A 80 -0.48 -20.78 18.04
C ILE A 80 0.83 -21.52 18.25
N PRO A 81 0.87 -22.47 19.20
CA PRO A 81 2.13 -23.18 19.49
C PRO A 81 2.77 -23.84 18.27
N HIS A 82 3.99 -23.42 17.95
CA HIS A 82 4.76 -23.98 16.84
C HIS A 82 5.86 -24.91 17.35
N ASP A 83 6.49 -25.63 16.42
CA ASP A 83 7.58 -26.54 16.76
C ASP A 83 8.57 -26.57 15.59
N PHE A 84 9.50 -25.61 15.59
CA PHE A 84 10.47 -25.45 14.51
C PHE A 84 11.70 -26.34 14.68
N GLY A 85 11.78 -27.06 15.80
CA GLY A 85 12.98 -27.81 16.14
C GLY A 85 13.99 -26.87 16.75
N MET A 86 15.14 -26.72 16.10
CA MET A 86 16.22 -25.87 16.60
C MET A 86 16.20 -24.46 15.99
N LYS A 87 15.54 -24.32 14.84
CA LYS A 87 15.52 -23.07 14.11
C LYS A 87 14.73 -21.98 14.83
N LYS A 88 15.04 -20.72 14.52
CA LYS A 88 14.35 -19.57 15.07
C LYS A 88 13.00 -19.38 14.40
N PRO A 89 11.93 -19.19 15.19
CA PRO A 89 10.65 -18.72 14.65
C PRO A 89 10.78 -17.37 13.95
N PRO A 90 10.23 -17.25 12.72
CA PRO A 90 10.39 -16.01 11.95
C PRO A 90 9.74 -14.81 12.62
N LEU A 91 10.52 -13.79 12.93
CA LEU A 91 10.03 -12.60 13.61
C LEU A 91 8.94 -11.89 12.80
N LEU A 92 7.86 -11.51 13.48
CA LEU A 92 6.77 -10.76 12.88
C LEU A 92 7.01 -9.27 13.10
N ASN A 93 7.75 -8.65 12.19
CA ASN A 93 8.16 -7.24 12.34
C ASN A 93 7.94 -6.36 11.10
N ASN A 94 7.30 -6.89 10.06
CA ASN A 94 7.15 -6.14 8.80
C ASN A 94 6.04 -6.68 7.92
N ALA A 95 5.73 -5.94 6.85
CA ALA A 95 4.65 -6.27 5.92
C ALA A 95 4.73 -7.71 5.37
N ASP A 96 5.95 -8.20 5.13
CA ASP A 96 6.13 -9.52 4.54
C ASP A 96 5.63 -10.64 5.47
N SER A 97 6.18 -10.67 6.68
CA SER A 97 5.79 -11.66 7.68
C SER A 97 4.33 -11.50 8.09
N VAL A 98 3.84 -10.27 8.07
CA VAL A 98 2.43 -9.99 8.33
C VAL A 98 1.56 -10.66 7.26
N GLN A 99 1.78 -10.29 6.01
CA GLN A 99 1.09 -10.91 4.88
C GLN A 99 1.22 -12.42 4.96
N ALA A 100 2.43 -12.90 5.23
CA ALA A 100 2.72 -14.33 5.31
C ALA A 100 1.73 -15.05 6.22
N LYS A 101 1.54 -14.52 7.43
CA LYS A 101 0.74 -15.20 8.43
C LYS A 101 -0.76 -15.20 8.15
N VAL A 102 -1.29 -14.10 7.62
CA VAL A 102 -2.73 -14.03 7.35
C VAL A 102 -3.19 -15.13 6.39
N GLU A 103 -2.35 -15.45 5.41
CA GLU A 103 -2.67 -16.50 4.44
C GLU A 103 -2.83 -17.84 5.16
N MET A 104 -1.95 -18.10 6.11
CA MET A 104 -2.05 -19.30 6.94
C MET A 104 -3.38 -19.29 7.69
N LEU A 105 -3.65 -18.20 8.42
CA LEU A 105 -4.87 -18.08 9.22
C LEU A 105 -6.14 -18.25 8.37
N ASP A 106 -6.13 -17.65 7.19
CA ASP A 106 -7.23 -17.83 6.23
C ASP A 106 -7.45 -19.31 5.95
N ASN A 107 -6.36 -20.05 5.77
CA ASN A 107 -6.44 -21.50 5.57
C ASN A 107 -6.90 -22.22 6.83
N LEU A 108 -6.36 -21.81 7.98
CA LEU A 108 -6.74 -22.40 9.27
C LEU A 108 -8.24 -22.26 9.51
N LEU A 109 -8.77 -21.08 9.22
CA LEU A 109 -10.21 -20.83 9.31
C LEU A 109 -11.00 -21.86 8.50
N ASP A 110 -10.55 -22.12 7.27
CA ASP A 110 -11.23 -23.06 6.37
C ASP A 110 -11.13 -24.51 6.82
N ILE A 111 -10.02 -24.85 7.48
CA ILE A 111 -9.81 -26.19 8.02
C ILE A 111 -10.71 -26.41 9.24
N GLU A 112 -10.82 -25.39 10.09
CA GLU A 112 -11.75 -25.42 11.21
C GLU A 112 -13.18 -25.58 10.71
N VAL A 113 -13.53 -24.84 9.65
CA VAL A 113 -14.84 -24.95 9.01
C VAL A 113 -15.06 -26.39 8.52
N ALA A 114 -14.05 -26.94 7.85
CA ALA A 114 -14.13 -28.29 7.30
C ALA A 114 -14.35 -29.35 8.36
N TYR A 115 -13.46 -29.38 9.36
CA TYR A 115 -13.54 -30.35 10.45
C TYR A 115 -14.79 -30.14 11.32
N SER A 116 -15.25 -28.90 11.44
CA SER A 116 -16.50 -28.60 12.13
C SER A 116 -17.70 -29.12 11.32
N LEU A 117 -17.62 -29.01 10.00
CA LEU A 117 -18.64 -29.59 9.10
C LEU A 117 -18.57 -31.11 9.05
N LEU A 118 -17.39 -31.67 9.32
CA LEU A 118 -17.21 -33.12 9.39
C LEU A 118 -17.88 -33.68 10.64
N ARG A 119 -17.60 -33.06 11.79
CA ARG A 119 -18.24 -33.41 13.04
C ARG A 119 -19.61 -32.77 13.22
N GLY A 120 -19.97 -31.85 12.32
CA GLY A 120 -21.29 -31.25 12.32
C GLY A 120 -22.35 -32.17 11.73
N GLY A 121 -23.62 -31.82 11.94
CA GLY A 121 -24.72 -32.53 11.34
C GLY A 121 -25.09 -33.81 12.06
N SER A 122 -25.36 -34.87 11.29
CA SER A 122 -25.99 -36.08 11.81
C SER A 122 -25.15 -37.36 11.65
N ASP A 123 -25.29 -38.24 12.64
CA ASP A 123 -24.72 -39.59 12.61
C ASP A 123 -25.68 -40.51 11.88
N ASP A 124 -25.21 -41.09 10.77
CA ASP A 124 -26.01 -42.04 10.00
C ASP A 124 -25.06 -43.09 9.41
N SER A 125 -24.89 -44.20 10.13
CA SER A 125 -23.93 -45.23 9.76
C SER A 125 -24.41 -46.11 8.60
N SER A 126 -25.73 -46.24 8.45
CA SER A 126 -26.32 -47.08 7.40
C SER A 126 -26.07 -46.55 5.98
N LYS A 127 -25.74 -45.25 5.88
CA LYS A 127 -25.33 -44.65 4.60
C LYS A 127 -23.79 -44.69 4.46
N ASP A 128 -23.31 -44.16 3.34
CA ASP A 128 -21.88 -44.11 3.05
C ASP A 128 -21.30 -42.75 3.46
N PRO A 129 -20.06 -42.73 3.96
CA PRO A 129 -19.34 -41.47 4.27
C PRO A 129 -19.36 -40.42 3.16
N ILE A 130 -19.43 -40.86 1.90
CA ILE A 130 -19.37 -39.95 0.75
C ILE A 130 -20.70 -39.21 0.55
N ASP A 131 -21.80 -39.96 0.49
CA ASP A 131 -23.14 -39.37 0.36
C ASP A 131 -23.44 -38.37 1.48
N VAL A 132 -23.02 -38.71 2.70
CA VAL A 132 -23.21 -37.85 3.86
C VAL A 132 -22.51 -36.50 3.64
N ASN A 133 -21.22 -36.56 3.36
CA ASN A 133 -20.41 -35.36 3.18
C ASN A 133 -20.85 -34.53 1.96
N TYR A 134 -21.31 -35.21 0.92
CA TYR A 134 -21.88 -34.54 -0.25
C TYR A 134 -23.04 -33.65 0.16
N GLU A 135 -23.96 -34.22 0.94
CA GLU A 135 -25.17 -33.50 1.37
C GLU A 135 -24.85 -32.37 2.36
N LYS A 136 -23.71 -32.46 3.03
CA LYS A 136 -23.22 -31.41 3.92
C LYS A 136 -22.58 -30.24 3.17
N LEU A 137 -22.17 -30.47 1.92
CA LEU A 137 -21.57 -29.43 1.09
C LEU A 137 -22.59 -28.43 0.55
N LYS A 138 -23.87 -28.81 0.56
CA LYS A 138 -24.94 -27.93 0.10
C LYS A 138 -24.70 -27.49 -1.34
N THR A 139 -24.19 -28.41 -2.16
CA THR A 139 -23.76 -28.10 -3.51
C THR A 139 -24.02 -29.27 -4.45
N ASP A 140 -24.77 -29.01 -5.53
CA ASP A 140 -24.96 -29.98 -6.59
C ASP A 140 -23.72 -29.97 -7.49
N ILE A 141 -23.03 -31.10 -7.57
CA ILE A 141 -21.78 -31.20 -8.31
C ILE A 141 -21.92 -32.20 -9.46
N LYS A 142 -22.00 -31.69 -10.68
CA LYS A 142 -22.16 -32.50 -11.88
C LYS A 142 -20.83 -32.63 -12.59
N VAL A 143 -20.51 -33.83 -13.09
CA VAL A 143 -19.32 -34.01 -13.92
C VAL A 143 -19.63 -33.46 -15.30
N VAL A 144 -18.75 -32.61 -15.81
CA VAL A 144 -18.92 -32.07 -17.15
C VAL A 144 -18.39 -33.10 -18.15
N ASP A 145 -19.19 -33.41 -19.16
CA ASP A 145 -18.77 -34.32 -20.23
C ASP A 145 -17.63 -33.66 -21.01
N ARG A 146 -16.51 -34.38 -21.14
CA ARG A 146 -15.33 -33.83 -21.78
C ARG A 146 -15.52 -33.50 -23.28
N ASP A 147 -16.60 -34.01 -23.88
CA ASP A 147 -16.99 -33.57 -25.22
C ASP A 147 -17.52 -32.15 -25.21
N SER A 148 -18.54 -31.90 -24.38
CA SER A 148 -19.25 -30.61 -24.34
C SER A 148 -18.33 -29.43 -24.65
N GLU A 149 -18.71 -28.62 -25.62
CA GLU A 149 -17.88 -27.51 -26.07
C GLU A 149 -17.45 -26.59 -24.92
N GLU A 150 -18.30 -26.46 -23.90
CA GLU A 150 -17.92 -25.74 -22.69
C GLU A 150 -16.64 -26.31 -22.07
N ALA A 151 -16.50 -27.64 -22.10
CA ALA A 151 -15.25 -28.28 -21.72
C ALA A 151 -14.11 -27.85 -22.63
N GLU A 152 -14.32 -27.95 -23.93
CA GLU A 152 -13.31 -27.53 -24.92
C GLU A 152 -12.87 -26.08 -24.68
N ILE A 153 -13.85 -25.21 -24.43
CA ILE A 153 -13.57 -23.81 -24.08
C ILE A 153 -12.70 -23.77 -22.83
N ILE A 154 -13.14 -24.48 -21.80
CA ILE A 154 -12.40 -24.54 -20.54
C ILE A 154 -10.98 -25.02 -20.77
N ARG A 155 -10.81 -26.03 -21.63
CA ARG A 155 -9.47 -26.51 -21.98
C ARG A 155 -8.68 -25.42 -22.69
N LYS A 156 -9.31 -24.72 -23.64
CA LYS A 156 -8.65 -23.64 -24.36
C LYS A 156 -8.32 -22.44 -23.45
N TYR A 157 -9.07 -22.30 -22.36
CA TYR A 157 -8.77 -21.29 -21.34
C TYR A 157 -7.45 -21.66 -20.67
N VAL A 158 -7.41 -22.82 -20.05
CA VAL A 158 -6.23 -23.29 -19.30
C VAL A 158 -5.02 -23.42 -20.21
N LYS A 159 -5.24 -24.06 -21.35
CA LYS A 159 -4.21 -24.34 -22.35
C LYS A 159 -3.38 -23.10 -22.66
N ASN A 160 -4.05 -22.03 -23.07
CA ASN A 160 -3.36 -20.81 -23.52
C ASN A 160 -2.82 -19.94 -22.37
N THR A 161 -3.60 -19.81 -21.30
CA THR A 161 -3.28 -18.87 -20.22
C THR A 161 -2.31 -19.42 -19.16
N HIS A 162 -1.58 -20.48 -19.48
CA HIS A 162 -0.45 -20.90 -18.66
C HIS A 162 0.68 -19.93 -18.98
N ALA A 163 1.16 -19.19 -17.97
CA ALA A 163 2.21 -18.20 -18.16
C ALA A 163 3.59 -18.85 -18.30
N THR A 164 4.46 -18.21 -19.09
CA THR A 164 5.79 -18.74 -19.37
C THR A 164 6.70 -18.76 -18.14
N THR A 165 6.64 -17.70 -17.33
CA THR A 165 7.57 -17.53 -16.20
C THR A 165 7.42 -18.60 -15.12
N HIS A 166 6.18 -19.01 -14.86
CA HIS A 166 5.90 -20.08 -13.91
C HIS A 166 6.19 -21.42 -14.56
N ASN A 167 7.49 -21.70 -14.68
CA ASN A 167 8.02 -22.82 -15.46
C ASN A 167 8.10 -24.13 -14.69
N ALA A 168 7.99 -24.06 -13.36
CA ALA A 168 8.19 -25.22 -12.50
C ALA A 168 7.24 -26.40 -12.77
N TYR A 169 6.17 -26.17 -13.52
CA TYR A 169 5.15 -27.19 -13.77
C TYR A 169 4.46 -26.97 -15.12
N ASP A 170 3.62 -27.93 -15.50
CA ASP A 170 2.67 -27.76 -16.59
C ASP A 170 1.36 -28.49 -16.25
N LEU A 171 0.27 -28.12 -16.93
CA LEU A 171 -1.07 -28.50 -16.50
C LEU A 171 -1.87 -29.31 -17.51
N GLU A 172 -2.95 -29.90 -17.00
CA GLU A 172 -3.92 -30.66 -17.79
C GLU A 172 -5.16 -30.86 -16.93
N VAL A 173 -6.32 -30.98 -17.59
CA VAL A 173 -7.59 -31.11 -16.88
C VAL A 173 -7.90 -32.59 -16.60
N ILE A 174 -7.92 -32.97 -15.32
CA ILE A 174 -8.33 -34.31 -14.92
C ILE A 174 -9.85 -34.39 -14.87
N ASP A 175 -10.45 -33.53 -14.03
CA ASP A 175 -11.91 -33.55 -13.82
C ASP A 175 -12.48 -32.14 -13.74
N ILE A 176 -13.56 -31.92 -14.49
CA ILE A 176 -14.32 -30.68 -14.45
C ILE A 176 -15.64 -30.96 -13.74
N PHE A 177 -16.22 -29.94 -13.11
CA PHE A 177 -17.50 -30.09 -12.42
C PHE A 177 -18.37 -28.85 -12.59
N LYS A 178 -19.67 -29.05 -12.78
CA LYS A 178 -20.63 -27.95 -12.83
C LYS A 178 -21.33 -27.81 -11.48
N ILE A 179 -20.68 -27.10 -10.56
CA ILE A 179 -21.20 -26.88 -9.21
C ILE A 179 -22.35 -25.88 -9.19
N GLU A 180 -23.27 -26.08 -8.24
CA GLU A 180 -24.38 -25.17 -8.02
C GLU A 180 -24.65 -25.11 -6.53
N ARG A 181 -24.10 -24.09 -5.88
CA ARG A 181 -24.27 -23.92 -4.43
C ARG A 181 -25.66 -23.34 -4.13
N GLU A 182 -26.27 -23.85 -3.07
CA GLU A 182 -27.64 -23.45 -2.71
C GLU A 182 -27.70 -21.99 -2.25
N GLY A 183 -28.49 -21.19 -2.96
CA GLY A 183 -28.70 -19.79 -2.61
C GLY A 183 -28.01 -18.80 -3.52
N GLU A 184 -26.82 -19.15 -3.98
CA GLU A 184 -25.97 -18.24 -4.76
C GLU A 184 -26.64 -17.75 -6.06
N CYS A 185 -27.57 -18.53 -6.58
CA CYS A 185 -28.36 -18.12 -7.75
C CYS A 185 -29.20 -16.87 -7.44
N GLN A 186 -29.70 -16.79 -6.21
CA GLN A 186 -30.50 -15.64 -5.76
C GLN A 186 -29.62 -14.51 -5.23
N ARG A 187 -28.51 -14.88 -4.58
CA ARG A 187 -27.54 -13.90 -4.05
C ARG A 187 -26.91 -13.07 -5.17
N TYR A 188 -26.68 -13.71 -6.31
CA TYR A 188 -26.02 -13.06 -7.44
C TYR A 188 -26.97 -12.20 -8.31
N LYS A 189 -28.27 -12.33 -8.08
CA LYS A 189 -29.28 -11.65 -8.92
C LYS A 189 -29.07 -10.14 -9.14
N PRO A 190 -28.78 -9.38 -8.07
CA PRO A 190 -28.67 -7.92 -8.23
C PRO A 190 -27.51 -7.45 -9.12
N PHE A 191 -26.55 -8.33 -9.37
CA PHE A 191 -25.39 -8.02 -10.20
C PHE A 191 -25.40 -8.85 -11.48
N LYS A 192 -26.55 -9.44 -11.81
CA LYS A 192 -26.67 -10.34 -12.95
C LYS A 192 -26.54 -9.59 -14.27
N GLN A 193 -27.18 -8.42 -14.36
CA GLN A 193 -27.13 -7.60 -15.57
C GLN A 193 -26.31 -6.32 -15.38
N LEU A 194 -25.45 -6.31 -14.38
CA LEU A 194 -24.40 -5.29 -14.26
C LEU A 194 -23.41 -5.53 -15.40
N HIS A 195 -22.89 -4.45 -15.99
CA HIS A 195 -22.00 -4.55 -17.15
C HIS A 195 -20.64 -5.13 -16.78
N ASN A 196 -19.89 -5.55 -17.80
CA ASN A 196 -18.53 -6.07 -17.63
C ASN A 196 -18.48 -7.25 -16.66
N ARG A 197 -18.96 -8.40 -17.12
CA ARG A 197 -18.96 -9.63 -16.33
C ARG A 197 -17.95 -10.60 -16.95
N ARG A 198 -17.05 -11.12 -16.13
CA ARG A 198 -15.95 -11.97 -16.60
C ARG A 198 -15.82 -13.26 -15.80
N LEU A 199 -15.58 -14.36 -16.52
CA LEU A 199 -15.30 -15.65 -15.90
C LEU A 199 -13.83 -15.68 -15.48
N LEU A 200 -13.56 -15.87 -14.19
CA LEU A 200 -12.20 -15.83 -13.67
C LEU A 200 -11.90 -16.97 -12.70
N TRP A 201 -10.61 -17.23 -12.50
CA TRP A 201 -10.15 -18.34 -11.68
C TRP A 201 -9.98 -17.93 -10.23
N HIS A 202 -10.25 -18.87 -9.31
CA HIS A 202 -9.83 -18.73 -7.93
C HIS A 202 -9.11 -20.00 -7.50
N GLY A 203 -7.82 -19.89 -7.22
CA GLY A 203 -7.00 -21.02 -6.80
C GLY A 203 -6.91 -21.10 -5.28
N SER A 204 -6.90 -22.32 -4.76
CA SER A 204 -6.93 -22.53 -3.32
C SER A 204 -6.41 -23.92 -2.93
N ARG A 205 -5.91 -24.02 -1.70
CA ARG A 205 -5.43 -25.29 -1.17
C ARG A 205 -6.56 -26.30 -1.05
N THR A 206 -6.27 -27.53 -1.48
CA THR A 206 -7.24 -28.63 -1.50
C THR A 206 -8.30 -28.59 -0.40
N THR A 207 -7.85 -28.62 0.85
CA THR A 207 -8.74 -28.81 2.00
C THR A 207 -9.77 -27.68 2.21
N ASN A 208 -9.42 -26.47 1.80
CA ASN A 208 -10.29 -25.30 1.98
C ASN A 208 -11.64 -25.43 1.27
N PHE A 209 -11.66 -26.20 0.19
CA PHE A 209 -12.86 -26.35 -0.63
C PHE A 209 -14.11 -26.83 0.11
N ALA A 210 -13.91 -27.55 1.20
CA ALA A 210 -15.02 -27.92 2.07
C ALA A 210 -15.79 -26.66 2.51
N GLY A 211 -15.05 -25.66 2.99
CA GLY A 211 -15.63 -24.39 3.39
C GLY A 211 -16.03 -23.50 2.21
N ILE A 212 -15.27 -23.61 1.12
CA ILE A 212 -15.51 -22.80 -0.08
C ILE A 212 -16.77 -23.25 -0.85
N LEU A 213 -17.18 -24.50 -0.66
CA LEU A 213 -18.40 -25.00 -1.31
C LEU A 213 -19.64 -24.95 -0.42
N SER A 214 -19.45 -25.06 0.90
CA SER A 214 -20.56 -24.93 1.83
C SER A 214 -20.93 -23.47 2.06
N GLN A 215 -19.92 -22.63 2.27
CA GLN A 215 -20.13 -21.23 2.60
C GLN A 215 -19.66 -20.25 1.52
N GLY A 216 -19.12 -20.77 0.42
CA GLY A 216 -18.68 -19.91 -0.69
C GLY A 216 -17.37 -19.20 -0.40
N LEU A 217 -16.99 -18.31 -1.30
CA LEU A 217 -15.84 -17.44 -1.07
C LEU A 217 -16.27 -16.25 -0.23
N ARG A 218 -15.45 -15.92 0.77
CA ARG A 218 -15.78 -14.87 1.73
C ARG A 218 -14.66 -13.83 1.81
N ILE A 219 -15.02 -12.66 2.32
CA ILE A 219 -14.07 -11.60 2.63
C ILE A 219 -13.44 -11.94 3.98
N ALA A 220 -12.22 -11.47 4.22
CA ALA A 220 -11.55 -11.65 5.51
C ALA A 220 -12.41 -11.11 6.64
N PRO A 221 -12.32 -11.72 7.84
CA PRO A 221 -13.17 -11.29 8.94
C PRO A 221 -12.84 -9.89 9.46
N PRO A 222 -13.75 -9.27 10.22
CA PRO A 222 -13.52 -7.97 10.87
C PRO A 222 -12.20 -7.89 11.65
N GLU A 223 -11.83 -8.98 12.30
CA GLU A 223 -10.59 -9.03 13.09
C GLU A 223 -9.34 -8.91 12.22
N ALA A 224 -9.42 -9.43 10.99
CA ALA A 224 -8.24 -9.49 10.11
C ALA A 224 -7.67 -8.10 9.80
N PRO A 225 -6.36 -8.04 9.48
CA PRO A 225 -5.70 -6.78 9.11
C PRO A 225 -5.77 -6.52 7.60
N VAL A 226 -6.11 -5.29 7.24
CA VAL A 226 -6.22 -4.90 5.83
C VAL A 226 -4.84 -4.90 5.13
N THR A 227 -3.78 -4.61 5.88
CA THR A 227 -2.42 -4.58 5.35
C THR A 227 -1.90 -5.98 4.99
N GLY A 228 -2.53 -7.01 5.54
CA GLY A 228 -2.15 -8.40 5.26
C GLY A 228 -2.52 -8.88 3.86
N TYR A 229 -3.47 -8.21 3.22
CA TYR A 229 -3.90 -8.56 1.87
C TYR A 229 -3.60 -7.38 0.94
N MET A 230 -2.81 -7.62 -0.10
CA MET A 230 -2.23 -6.54 -0.92
C MET A 230 -3.21 -5.42 -1.26
N PHE A 231 -4.38 -5.78 -1.78
CA PHE A 231 -5.40 -4.80 -2.15
C PHE A 231 -6.48 -4.64 -1.09
N GLY A 232 -6.52 -5.55 -0.12
CA GLY A 232 -7.36 -5.39 1.07
C GLY A 232 -8.37 -6.50 1.26
N LYS A 233 -9.36 -6.22 2.09
CA LYS A 233 -10.39 -7.20 2.45
C LYS A 233 -11.42 -7.34 1.34
N GLY A 234 -11.07 -8.11 0.31
CA GLY A 234 -11.99 -8.42 -0.78
C GLY A 234 -11.94 -9.90 -1.10
N ILE A 235 -12.11 -10.24 -2.38
CA ILE A 235 -11.96 -11.62 -2.85
C ILE A 235 -11.18 -11.59 -4.15
N TYR A 236 -10.15 -12.42 -4.23
CA TYR A 236 -9.11 -12.29 -5.26
C TYR A 236 -9.23 -13.30 -6.40
N PHE A 237 -9.18 -12.79 -7.63
CA PHE A 237 -9.26 -13.60 -8.83
C PHE A 237 -8.13 -13.26 -9.78
N ALA A 238 -7.92 -14.12 -10.77
CA ALA A 238 -6.94 -13.89 -11.83
C ALA A 238 -7.48 -14.40 -13.15
N ASP A 239 -7.01 -13.81 -14.24
CA ASP A 239 -7.39 -14.28 -15.59
C ASP A 239 -6.43 -15.35 -16.11
N MET A 240 -5.21 -15.36 -15.59
CA MET A 240 -4.24 -16.41 -15.95
C MET A 240 -4.40 -17.58 -14.97
N VAL A 241 -4.47 -18.80 -15.53
CA VAL A 241 -4.66 -20.00 -14.72
C VAL A 241 -3.44 -20.31 -13.85
N SER A 242 -2.25 -19.97 -14.34
CA SER A 242 -1.01 -20.22 -13.61
C SER A 242 -0.91 -19.42 -12.31
N LYS A 243 -1.38 -18.17 -12.35
CA LYS A 243 -1.34 -17.29 -11.17
C LYS A 243 -2.15 -17.88 -10.04
N SER A 244 -3.40 -18.21 -10.32
CA SER A 244 -4.27 -18.87 -9.33
C SER A 244 -3.73 -20.27 -9.00
N ALA A 245 -3.22 -20.98 -10.00
CA ALA A 245 -2.68 -22.33 -9.80
C ALA A 245 -1.55 -22.39 -8.77
N ASN A 246 -0.84 -21.28 -8.59
CA ASN A 246 0.17 -21.18 -7.54
C ASN A 246 -0.46 -21.13 -6.15
N TYR A 247 -1.62 -20.47 -6.04
CA TYR A 247 -2.37 -20.42 -4.78
C TYR A 247 -3.04 -21.74 -4.40
N CYS A 248 -2.93 -22.76 -5.26
CA CYS A 248 -3.23 -24.13 -4.87
C CYS A 248 -2.17 -24.65 -3.89
N HIS A 249 -0.97 -24.06 -3.94
CA HIS A 249 0.16 -24.46 -3.11
C HIS A 249 0.42 -25.95 -3.24
N THR A 250 0.47 -26.40 -4.49
CA THR A 250 0.72 -27.80 -4.79
C THR A 250 2.18 -28.14 -4.50
N SER A 251 2.42 -29.40 -4.15
CA SER A 251 3.75 -29.87 -3.78
C SER A 251 4.07 -31.12 -4.58
N GLN A 252 5.27 -31.66 -4.37
CA GLN A 252 5.64 -32.95 -4.95
C GLN A 252 4.78 -34.06 -4.33
N GLY A 253 4.56 -33.97 -3.02
CA GLY A 253 3.69 -34.91 -2.31
C GLY A 253 2.23 -34.78 -2.72
N ASP A 254 1.77 -33.54 -2.82
CA ASP A 254 0.41 -33.23 -3.28
C ASP A 254 0.47 -32.50 -4.63
N PRO A 255 0.58 -33.26 -5.74
CA PRO A 255 0.63 -32.65 -7.08
C PRO A 255 -0.75 -32.28 -7.64
N ILE A 256 -1.81 -32.97 -7.20
CA ILE A 256 -3.15 -32.68 -7.67
C ILE A 256 -3.64 -31.37 -7.08
N GLY A 257 -4.23 -30.52 -7.92
CA GLY A 257 -4.73 -29.22 -7.48
C GLY A 257 -6.19 -29.01 -7.86
N LEU A 258 -6.89 -28.23 -7.05
CA LEU A 258 -8.25 -27.82 -7.35
C LEU A 258 -8.28 -26.31 -7.61
N ILE A 259 -9.04 -25.91 -8.63
CA ILE A 259 -9.16 -24.51 -9.02
C ILE A 259 -10.57 -24.25 -9.54
N LEU A 260 -11.05 -23.02 -9.35
CA LEU A 260 -12.43 -22.67 -9.70
C LEU A 260 -12.52 -21.68 -10.83
N LEU A 261 -13.58 -21.83 -11.62
CA LEU A 261 -14.03 -20.77 -12.52
C LEU A 261 -15.22 -20.11 -11.85
N GLY A 262 -15.30 -18.78 -11.94
CA GLY A 262 -16.37 -18.03 -11.28
C GLY A 262 -16.80 -16.81 -12.06
N GLU A 263 -18.11 -16.58 -12.11
CA GLU A 263 -18.67 -15.39 -12.73
C GLU A 263 -18.63 -14.25 -11.71
N VAL A 264 -17.87 -13.20 -12.05
CA VAL A 264 -17.68 -12.06 -11.17
C VAL A 264 -18.25 -10.79 -11.80
N ALA A 265 -19.07 -10.07 -11.04
CA ALA A 265 -19.66 -8.80 -11.49
C ALA A 265 -18.71 -7.65 -11.15
N LEU A 266 -17.83 -7.33 -12.09
CA LEU A 266 -16.80 -6.30 -11.87
C LEU A 266 -17.33 -4.90 -12.13
N GLY A 267 -17.77 -4.64 -13.36
CA GLY A 267 -18.25 -3.31 -13.74
C GLY A 267 -17.11 -2.31 -13.87
N ASN A 268 -17.21 -1.20 -13.15
CA ASN A 268 -16.17 -0.16 -13.16
C ASN A 268 -14.98 -0.54 -12.29
N MET A 269 -13.89 -0.93 -12.96
CA MET A 269 -12.69 -1.43 -12.27
C MET A 269 -11.82 -0.26 -11.84
N TYR A 270 -11.48 -0.20 -10.55
CA TYR A 270 -10.52 0.79 -10.08
C TYR A 270 -9.14 0.33 -10.54
N GLU A 271 -8.74 0.80 -11.71
CA GLU A 271 -7.49 0.39 -12.33
C GLU A 271 -6.31 0.88 -11.51
N LEU A 272 -5.54 -0.05 -10.95
CA LEU A 272 -4.40 0.26 -10.12
C LEU A 272 -3.16 -0.50 -10.57
N LYS A 273 -2.00 -0.02 -10.13
CA LYS A 273 -0.71 -0.61 -10.49
C LYS A 273 0.04 -1.20 -9.30
N HIS A 274 -0.13 -0.61 -8.11
CA HIS A 274 0.61 -1.03 -6.92
C HIS A 274 -0.32 -1.33 -5.77
N ALA A 275 0.25 -1.66 -4.61
CA ALA A 275 -0.53 -1.98 -3.42
C ALA A 275 -1.39 -0.80 -2.96
N SER A 276 -2.56 -1.12 -2.42
CA SER A 276 -3.50 -0.13 -1.93
C SER A 276 -4.50 -0.80 -1.00
N HIS A 277 -4.19 -0.79 0.29
CA HIS A 277 -4.98 -1.50 1.29
C HIS A 277 -6.23 -0.69 1.64
N ILE A 278 -7.40 -1.32 1.52
CA ILE A 278 -8.68 -0.66 1.75
C ILE A 278 -9.75 -1.65 2.21
N SER A 279 -10.77 -1.13 2.88
CA SER A 279 -11.95 -1.93 3.28
C SER A 279 -13.12 -1.77 2.30
N LYS A 280 -13.27 -0.57 1.74
CA LYS A 280 -14.36 -0.27 0.82
C LYS A 280 -13.90 0.63 -0.33
N LEU A 281 -14.76 0.74 -1.35
CA LEU A 281 -14.44 1.45 -2.58
C LEU A 281 -15.13 2.81 -2.61
N PRO A 282 -14.70 3.72 -3.51
CA PRO A 282 -15.38 5.01 -3.62
C PRO A 282 -16.72 4.87 -4.31
N LYS A 283 -17.59 5.86 -4.12
CA LYS A 283 -18.90 5.85 -4.74
C LYS A 283 -18.75 5.91 -6.26
N GLY A 284 -18.95 4.78 -6.92
CA GLY A 284 -18.79 4.66 -8.37
C GLY A 284 -18.18 3.33 -8.77
N LYS A 285 -16.94 3.11 -8.36
CA LYS A 285 -16.24 1.87 -8.67
C LYS A 285 -16.84 0.69 -7.89
N HIS A 286 -16.90 -0.46 -8.53
CA HIS A 286 -17.46 -1.68 -7.92
C HIS A 286 -16.42 -2.78 -7.70
N SER A 287 -15.19 -2.56 -8.18
CA SER A 287 -14.13 -3.57 -8.08
C SER A 287 -12.77 -2.93 -8.36
N VAL A 288 -11.72 -3.73 -8.21
CA VAL A 288 -10.36 -3.28 -8.49
C VAL A 288 -9.77 -4.18 -9.57
N LYS A 289 -8.89 -3.60 -10.40
CA LYS A 289 -8.06 -4.40 -11.29
C LYS A 289 -6.60 -3.97 -11.17
N GLY A 290 -5.78 -4.87 -10.62
CA GLY A 290 -4.34 -4.69 -10.63
C GLY A 290 -3.83 -4.97 -12.03
N LEU A 291 -3.29 -3.94 -12.68
CA LEU A 291 -2.83 -4.07 -14.06
C LEU A 291 -1.42 -4.66 -14.10
N GLY A 292 -1.24 -5.68 -14.93
CA GLY A 292 0.06 -6.33 -15.10
C GLY A 292 0.60 -6.11 -16.49
N LYS A 293 1.89 -6.42 -16.67
CA LYS A 293 2.54 -6.25 -17.96
C LYS A 293 1.97 -7.24 -18.98
N THR A 294 2.01 -8.52 -18.63
CA THR A 294 1.41 -9.56 -19.47
C THR A 294 -0.09 -9.60 -19.21
N THR A 295 -0.85 -10.05 -20.21
CA THR A 295 -2.31 -10.13 -20.10
C THR A 295 -2.90 -11.01 -21.21
N PRO A 296 -4.07 -11.62 -20.95
CA PRO A 296 -4.77 -12.32 -22.03
C PRO A 296 -5.08 -11.40 -23.20
N ASP A 297 -4.83 -11.89 -24.42
CA ASP A 297 -5.05 -11.09 -25.63
C ASP A 297 -6.52 -10.70 -25.76
N PRO A 298 -6.80 -9.40 -25.96
CA PRO A 298 -8.17 -8.89 -25.98
C PRO A 298 -8.97 -9.27 -27.23
N SER A 299 -8.30 -9.36 -28.37
CA SER A 299 -8.97 -9.73 -29.63
C SER A 299 -9.52 -11.16 -29.59
N ALA A 300 -8.92 -12.01 -28.74
CA ALA A 300 -9.35 -13.40 -28.59
C ALA A 300 -10.46 -13.60 -27.54
N ASN A 301 -11.01 -12.51 -27.01
CA ASN A 301 -12.12 -12.61 -26.05
C ASN A 301 -13.41 -13.09 -26.73
N ILE A 302 -14.26 -13.75 -25.96
CA ILE A 302 -15.49 -14.37 -26.49
C ILE A 302 -16.65 -14.19 -25.50
N SER A 303 -17.77 -14.88 -25.72
CA SER A 303 -18.93 -14.78 -24.82
C SER A 303 -19.72 -16.08 -24.69
N LEU A 304 -19.49 -16.82 -23.60
CA LEU A 304 -20.35 -17.92 -23.17
C LEU A 304 -21.15 -17.43 -21.95
N ASP A 305 -22.45 -17.76 -21.92
CA ASP A 305 -23.38 -17.28 -20.88
C ASP A 305 -23.70 -15.77 -20.96
N GLY A 306 -23.25 -15.10 -22.02
CA GLY A 306 -23.27 -13.64 -22.08
C GLY A 306 -22.26 -13.04 -21.11
N VAL A 307 -21.10 -13.69 -20.99
CA VAL A 307 -20.05 -13.32 -20.03
C VAL A 307 -18.69 -13.46 -20.71
N ASP A 308 -17.77 -12.54 -20.41
CA ASP A 308 -16.48 -12.49 -21.09
C ASP A 308 -15.56 -13.63 -20.64
N VAL A 309 -14.84 -14.21 -21.60
CA VAL A 309 -13.89 -15.29 -21.33
C VAL A 309 -12.59 -14.99 -22.05
N PRO A 310 -11.72 -14.15 -21.44
CA PRO A 310 -10.46 -13.80 -22.08
C PRO A 310 -9.46 -14.96 -22.01
N LEU A 311 -9.45 -15.78 -23.07
CA LEU A 311 -8.57 -16.94 -23.14
C LEU A 311 -7.52 -16.80 -24.25
N GLY A 312 -7.15 -15.56 -24.56
CA GLY A 312 -6.06 -15.29 -25.49
C GLY A 312 -4.72 -15.58 -24.85
N THR A 313 -3.66 -15.56 -25.67
CA THR A 313 -2.31 -15.82 -25.19
C THR A 313 -1.80 -14.65 -24.36
N GLY A 314 -0.86 -14.92 -23.47
CA GLY A 314 -0.20 -13.89 -22.71
C GLY A 314 0.51 -12.92 -23.63
N ILE A 315 0.02 -11.69 -23.70
CA ILE A 315 0.66 -10.64 -24.50
C ILE A 315 1.04 -9.46 -23.63
N SER A 316 2.08 -8.75 -24.04
CA SER A 316 2.54 -7.57 -23.31
C SER A 316 1.65 -6.38 -23.60
N SER A 317 0.72 -6.09 -22.69
CA SER A 317 0.03 -4.82 -22.70
C SER A 317 1.08 -3.77 -22.37
N GLY A 318 1.09 -2.67 -23.10
CA GLY A 318 2.12 -1.64 -22.93
C GLY A 318 2.03 -0.93 -21.60
N VAL A 319 2.10 -1.71 -20.51
CA VAL A 319 1.87 -1.19 -19.16
C VAL A 319 3.16 -0.63 -18.59
N ASN A 320 3.29 0.69 -18.72
CA ASN A 320 4.30 1.44 -18.00
C ASN A 320 4.11 1.24 -16.50
N ASP A 321 5.11 0.64 -15.85
CA ASP A 321 5.23 0.63 -14.38
C ASP A 321 4.15 -0.17 -13.65
N THR A 322 4.56 -1.22 -12.94
CA THR A 322 3.66 -2.00 -12.08
C THR A 322 4.42 -3.01 -11.22
N SER A 323 3.95 -3.20 -9.99
CA SER A 323 4.52 -4.21 -9.09
C SER A 323 4.10 -5.64 -9.48
N LEU A 324 2.97 -5.75 -10.17
CA LEU A 324 2.43 -7.04 -10.59
C LEU A 324 2.89 -7.42 -11.99
N LEU A 325 3.26 -8.70 -12.16
CA LEU A 325 3.53 -9.25 -13.49
C LEU A 325 2.23 -9.43 -14.26
N TYR A 326 1.27 -10.11 -13.62
CA TYR A 326 0.02 -10.52 -14.26
C TYR A 326 -1.19 -9.87 -13.60
N ASN A 327 -2.30 -9.85 -14.32
CA ASN A 327 -3.53 -9.21 -13.85
C ASN A 327 -4.14 -9.90 -12.65
N GLU A 328 -4.98 -9.17 -11.94
CA GLU A 328 -5.88 -9.75 -10.95
C GLU A 328 -7.01 -8.78 -10.66
N TYR A 329 -8.21 -9.32 -10.48
CA TYR A 329 -9.41 -8.54 -10.27
C TYR A 329 -9.96 -8.84 -8.89
N ILE A 330 -10.43 -7.82 -8.19
CA ILE A 330 -10.88 -7.96 -6.80
C ILE A 330 -12.20 -7.23 -6.56
N VAL A 331 -13.20 -7.97 -6.08
CA VAL A 331 -14.46 -7.38 -5.63
C VAL A 331 -14.54 -7.44 -4.11
N TYR A 332 -15.27 -6.50 -3.51
CA TYR A 332 -15.29 -6.34 -2.04
C TYR A 332 -16.66 -6.61 -1.42
N ASP A 333 -17.55 -7.26 -2.17
CA ASP A 333 -18.86 -7.67 -1.68
C ASP A 333 -19.10 -9.11 -2.11
N ILE A 334 -19.47 -9.98 -1.16
CA ILE A 334 -19.48 -11.43 -1.41
C ILE A 334 -20.56 -11.85 -2.42
N ALA A 335 -21.63 -11.08 -2.51
CA ALA A 335 -22.72 -11.36 -3.44
C ALA A 335 -22.32 -11.18 -4.92
N GLN A 336 -21.26 -10.40 -5.16
CA GLN A 336 -20.77 -10.14 -6.51
C GLN A 336 -20.17 -11.36 -7.21
N VAL A 337 -20.08 -12.50 -6.53
CA VAL A 337 -19.50 -13.70 -7.10
C VAL A 337 -20.54 -14.81 -7.28
N ASN A 338 -20.47 -15.49 -8.43
CA ASN A 338 -21.23 -16.70 -8.67
C ASN A 338 -20.31 -17.78 -9.23
N LEU A 339 -20.09 -18.83 -8.44
CA LEU A 339 -19.19 -19.93 -8.80
C LEU A 339 -19.84 -20.84 -9.83
N LYS A 340 -19.02 -21.35 -10.75
CA LYS A 340 -19.50 -22.07 -11.92
C LYS A 340 -18.91 -23.46 -12.05
N TYR A 341 -17.59 -23.54 -12.22
CA TYR A 341 -16.92 -24.80 -12.51
C TYR A 341 -15.69 -25.05 -11.65
N LEU A 342 -15.59 -26.27 -11.12
CA LEU A 342 -14.46 -26.69 -10.29
C LEU A 342 -13.62 -27.67 -11.09
N LEU A 343 -12.32 -27.39 -11.19
CA LEU A 343 -11.43 -28.18 -12.02
C LEU A 343 -10.33 -28.85 -11.21
N LYS A 344 -10.36 -30.18 -11.17
CA LYS A 344 -9.25 -30.96 -10.65
C LYS A 344 -8.15 -30.94 -11.72
N LEU A 345 -6.92 -30.62 -11.32
CA LEU A 345 -5.81 -30.50 -12.26
C LEU A 345 -4.60 -31.32 -11.85
N LYS A 346 -3.73 -31.61 -12.82
CA LYS A 346 -2.49 -32.34 -12.58
C LYS A 346 -1.29 -31.42 -12.81
N PHE A 347 -0.42 -31.32 -11.81
CA PHE A 347 0.80 -30.54 -11.92
C PHE A 347 1.99 -31.47 -12.13
N ASN A 348 2.45 -31.57 -13.38
CA ASN A 348 3.66 -32.33 -13.70
C ASN A 348 4.87 -31.42 -13.64
N PHE A 349 5.70 -31.61 -12.62
CA PHE A 349 6.84 -30.72 -12.40
C PHE A 349 8.00 -31.07 -13.33
N LYS A 350 8.83 -30.07 -13.61
CA LYS A 350 9.94 -30.23 -14.56
C LYS A 350 11.22 -30.59 -13.82
N THR A 351 12.13 -31.25 -14.52
CA THR A 351 13.46 -31.57 -13.99
C THR A 351 14.49 -31.56 -15.12
N MET B 1 27.90 47.65 -1.75
CA MET B 1 26.80 48.33 -0.99
C MET B 1 25.99 47.32 -0.18
N LYS B 2 25.67 47.68 1.07
CA LYS B 2 24.88 46.80 1.95
C LYS B 2 23.42 46.72 1.50
N SER B 3 22.69 45.77 2.09
CA SER B 3 21.33 45.45 1.64
C SER B 3 20.26 46.40 2.20
N LYS B 4 19.19 46.58 1.43
CA LYS B 4 18.03 47.39 1.83
C LYS B 4 17.00 46.55 2.60
N LEU B 5 17.12 45.22 2.52
CA LEU B 5 16.12 44.32 3.10
C LEU B 5 16.12 44.34 4.64
N PRO B 6 15.04 43.82 5.25
CA PRO B 6 14.99 43.67 6.70
C PRO B 6 15.98 42.63 7.23
N LYS B 7 16.40 42.80 8.47
CA LYS B 7 17.30 41.86 9.14
C LYS B 7 16.74 40.43 9.14
N PRO B 8 15.45 40.26 9.49
CA PRO B 8 14.85 38.91 9.50
C PRO B 8 14.90 38.20 8.14
N VAL B 9 14.73 38.96 7.07
CA VAL B 9 14.76 38.40 5.72
C VAL B 9 16.19 38.02 5.32
N GLN B 10 17.17 38.80 5.78
CA GLN B 10 18.57 38.53 5.50
C GLN B 10 19.07 37.26 6.18
N ASP B 11 18.70 37.08 7.44
CA ASP B 11 19.06 35.87 8.18
C ASP B 11 18.32 34.64 7.63
N LEU B 12 17.16 34.87 7.02
CA LEU B 12 16.40 33.81 6.36
C LEU B 12 17.11 33.32 5.08
N ILE B 13 17.51 34.28 4.25
CA ILE B 13 18.22 33.97 3.00
C ILE B 13 19.49 33.18 3.28
N LYS B 14 20.32 33.71 4.17
CA LYS B 14 21.58 33.05 4.56
C LYS B 14 21.37 31.60 5.00
N MET B 15 20.35 31.39 5.84
CA MET B 15 20.09 30.09 6.45
C MET B 15 19.86 28.99 5.43
N ILE B 16 18.91 29.22 4.52
CA ILE B 16 18.59 28.26 3.46
C ILE B 16 19.73 28.06 2.47
N PHE B 17 20.46 29.12 2.18
CA PHE B 17 21.58 29.07 1.24
C PHE B 17 22.89 28.62 1.86
N ASP B 18 22.94 28.50 3.18
CA ASP B 18 24.15 28.05 3.85
C ASP B 18 24.59 26.70 3.29
N VAL B 19 25.66 26.72 2.50
CA VAL B 19 26.20 25.53 1.84
C VAL B 19 26.61 24.46 2.87
N GLU B 20 27.14 24.91 4.00
CA GLU B 20 27.62 23.99 5.03
C GLU B 20 26.46 23.17 5.62
N SER B 21 25.26 23.75 5.63
CA SER B 21 24.05 23.02 6.03
C SER B 21 23.69 21.94 5.03
N MET B 22 23.88 22.23 3.75
CA MET B 22 23.65 21.25 2.69
C MET B 22 24.66 20.12 2.79
N LYS B 23 25.94 20.50 2.82
CA LYS B 23 27.03 19.53 3.03
C LYS B 23 26.72 18.63 4.21
N LYS B 24 26.22 19.23 5.29
CA LYS B 24 25.88 18.52 6.52
C LYS B 24 24.68 17.59 6.35
N ALA B 25 23.63 18.08 5.70
CA ALA B 25 22.42 17.28 5.49
C ALA B 25 22.68 16.00 4.68
N MET B 26 23.60 16.10 3.72
CA MET B 26 23.99 14.95 2.89
C MET B 26 24.70 13.87 3.70
N VAL B 27 25.42 14.29 4.74
CA VAL B 27 26.13 13.35 5.62
C VAL B 27 25.14 12.53 6.46
N GLU B 28 24.00 13.14 6.82
CA GLU B 28 22.97 12.44 7.59
C GLU B 28 22.33 11.31 6.79
N TYR B 29 22.34 11.44 5.46
CA TYR B 29 21.87 10.38 4.57
C TYR B 29 22.95 9.36 4.20
N GLU B 30 24.11 9.45 4.85
CA GLU B 30 25.22 8.49 4.68
C GLU B 30 25.84 8.57 3.28
N ILE B 31 25.83 9.78 2.68
CA ILE B 31 26.41 10.01 1.37
C ILE B 31 27.90 10.29 1.52
N ASP B 32 28.71 9.68 0.67
CA ASP B 32 30.15 9.92 0.67
C ASP B 32 30.45 11.18 -0.12
N LEU B 33 30.94 12.21 0.56
CA LEU B 33 31.27 13.48 -0.09
C LEU B 33 32.60 13.45 -0.85
N GLN B 34 33.37 12.37 -0.67
CA GLN B 34 34.55 12.13 -1.50
C GLN B 34 34.15 11.68 -2.90
N LYS B 35 33.38 10.59 -2.97
CA LYS B 35 32.93 10.03 -4.24
C LYS B 35 31.72 10.78 -4.81
N MET B 36 30.88 11.32 -3.93
CA MET B 36 29.72 12.11 -4.34
C MET B 36 29.68 13.43 -3.58
N PRO B 37 30.53 14.40 -3.97
CA PRO B 37 30.48 15.72 -3.35
C PRO B 37 29.28 16.54 -3.82
N LEU B 38 29.08 17.68 -3.18
CA LEU B 38 27.95 18.56 -3.49
C LEU B 38 28.03 19.09 -4.93
N GLY B 39 29.23 19.42 -5.37
CA GLY B 39 29.45 19.95 -6.72
C GLY B 39 29.18 18.96 -7.84
N LYS B 40 29.44 17.68 -7.59
CA LYS B 40 29.33 16.64 -8.61
C LYS B 40 27.91 16.06 -8.77
N LEU B 41 26.93 16.67 -8.10
CA LEU B 41 25.53 16.28 -8.26
C LEU B 41 24.98 16.70 -9.63
N SER B 42 23.87 16.08 -10.01
CA SER B 42 23.12 16.47 -11.21
C SER B 42 21.71 15.88 -11.17
N LYS B 43 20.82 16.42 -12.01
CA LYS B 43 19.43 15.99 -12.04
C LYS B 43 19.29 14.51 -12.40
N ARG B 44 19.93 14.11 -13.50
CA ARG B 44 19.79 12.73 -13.99
C ARG B 44 20.49 11.69 -13.12
N GLN B 45 21.56 12.09 -12.42
CA GLN B 45 22.20 11.21 -11.43
C GLN B 45 21.19 10.70 -10.41
N ILE B 46 20.37 11.62 -9.92
CA ILE B 46 19.34 11.32 -8.93
C ILE B 46 18.17 10.55 -9.56
N GLN B 47 17.75 10.97 -10.74
CA GLN B 47 16.66 10.30 -11.46
C GLN B 47 17.03 8.88 -11.89
N ALA B 48 18.32 8.65 -12.14
CA ALA B 48 18.82 7.31 -12.43
C ALA B 48 18.69 6.41 -11.21
N ALA B 49 18.96 6.97 -10.03
CA ALA B 49 18.78 6.25 -8.77
C ALA B 49 17.32 5.87 -8.54
N TYR B 50 16.41 6.81 -8.82
CA TYR B 50 14.97 6.57 -8.71
C TYR B 50 14.52 5.36 -9.52
N SER B 51 15.04 5.24 -10.74
CA SER B 51 14.74 4.09 -11.60
C SER B 51 15.20 2.78 -10.96
N ILE B 52 16.37 2.79 -10.32
CA ILE B 52 16.90 1.60 -9.66
C ILE B 52 16.12 1.28 -8.39
N LEU B 53 15.70 2.30 -7.65
CA LEU B 53 14.78 2.10 -6.54
C LEU B 53 13.48 1.46 -7.02
N SER B 54 12.93 2.02 -8.11
CA SER B 54 11.72 1.48 -8.72
C SER B 54 11.90 0.02 -9.15
N GLU B 55 13.13 -0.33 -9.53
CA GLU B 55 13.45 -1.72 -9.88
C GLU B 55 13.49 -2.62 -8.65
N VAL B 56 13.99 -2.09 -7.52
CA VAL B 56 13.99 -2.82 -6.26
C VAL B 56 12.57 -2.98 -5.72
N GLN B 57 11.76 -1.94 -5.81
CA GLN B 57 10.33 -1.97 -5.42
C GLN B 57 9.65 -3.27 -5.85
N GLN B 58 9.89 -3.67 -7.09
CA GLN B 58 9.36 -4.93 -7.63
C GLN B 58 10.11 -6.13 -7.08
N ALA B 59 11.44 -6.02 -7.03
CA ALA B 59 12.29 -7.07 -6.46
C ALA B 59 11.86 -7.41 -5.04
N VAL B 60 11.49 -6.40 -4.27
CA VAL B 60 11.06 -6.56 -2.88
C VAL B 60 9.67 -7.19 -2.78
N SER B 61 8.72 -6.65 -3.54
CA SER B 61 7.32 -7.09 -3.49
C SER B 61 7.11 -8.52 -4.00
N GLN B 62 8.01 -9.00 -4.85
CA GLN B 62 7.92 -10.37 -5.40
C GLN B 62 8.83 -11.36 -4.68
N GLY B 63 9.35 -10.97 -3.51
CA GLY B 63 10.09 -11.87 -2.63
C GLY B 63 11.33 -12.51 -3.24
N SER B 64 12.08 -11.75 -4.02
CA SER B 64 13.36 -12.22 -4.55
C SER B 64 14.36 -12.31 -3.40
N SER B 65 15.06 -13.45 -3.31
CA SER B 65 15.91 -13.76 -2.16
C SER B 65 17.12 -12.83 -2.04
N ASP B 66 17.81 -12.92 -0.90
CA ASP B 66 18.94 -12.04 -0.58
C ASP B 66 20.11 -12.16 -1.56
N SER B 67 20.29 -13.34 -2.15
CA SER B 67 21.31 -13.56 -3.18
C SER B 67 20.94 -12.92 -4.52
N GLN B 68 19.64 -12.84 -4.81
CA GLN B 68 19.14 -12.22 -6.04
C GLN B 68 19.11 -10.69 -5.96
N ILE B 69 18.54 -10.18 -4.87
CA ILE B 69 18.37 -8.73 -4.69
C ILE B 69 19.71 -8.01 -4.41
N LEU B 70 20.70 -8.77 -3.95
CA LEU B 70 22.08 -8.28 -3.82
C LEU B 70 22.48 -7.32 -4.93
N ASP B 71 22.36 -7.78 -6.17
CA ASP B 71 22.83 -7.04 -7.35
C ASP B 71 22.19 -5.66 -7.46
N LEU B 72 20.88 -5.60 -7.22
CA LEU B 72 20.12 -4.35 -7.36
C LEU B 72 20.46 -3.35 -6.26
N SER B 73 20.72 -3.84 -5.05
CA SER B 73 21.10 -2.99 -3.94
C SER B 73 22.47 -2.34 -4.18
N ASN B 74 23.40 -3.12 -4.72
CA ASN B 74 24.73 -2.60 -5.09
C ASN B 74 24.67 -1.67 -6.30
N ARG B 75 23.73 -1.94 -7.20
CA ARG B 75 23.49 -1.09 -8.38
C ARG B 75 23.14 0.33 -7.93
N PHE B 76 22.32 0.43 -6.89
CA PHE B 76 21.92 1.71 -6.32
C PHE B 76 23.12 2.44 -5.72
N TYR B 77 23.91 1.74 -4.93
CA TYR B 77 25.11 2.31 -4.32
C TYR B 77 26.17 2.65 -5.37
N THR B 78 26.15 1.92 -6.48
CA THR B 78 27.03 2.23 -7.61
C THR B 78 26.74 3.64 -8.10
N LEU B 79 25.47 3.92 -8.38
CA LEU B 79 25.04 5.25 -8.82
C LEU B 79 25.38 6.32 -7.80
N ILE B 80 24.80 6.17 -6.61
CA ILE B 80 25.00 7.12 -5.52
C ILE B 80 25.90 6.46 -4.47
N PRO B 81 27.20 6.78 -4.46
CA PRO B 81 28.13 6.16 -3.53
C PRO B 81 27.96 6.66 -2.10
N HIS B 82 28.10 5.75 -1.13
CA HIS B 82 27.81 6.05 0.26
C HIS B 82 29.03 5.89 1.16
N ASP B 83 28.93 6.48 2.36
CA ASP B 83 29.99 6.43 3.36
C ASP B 83 29.54 5.53 4.49
N PHE B 84 30.02 4.29 4.49
CA PHE B 84 29.54 3.26 5.43
C PHE B 84 30.58 2.88 6.51
N GLY B 85 31.17 3.87 7.17
CA GLY B 85 32.14 3.60 8.24
C GLY B 85 33.28 2.70 7.79
N MET B 86 33.17 1.42 8.14
CA MET B 86 34.04 0.37 7.59
C MET B 86 33.20 -0.86 7.26
N LYS B 87 31.91 -0.65 6.98
CA LYS B 87 30.93 -1.73 6.93
C LYS B 87 30.87 -2.41 5.56
N LYS B 88 30.12 -3.52 5.49
CA LYS B 88 29.72 -4.12 4.22
C LYS B 88 28.50 -3.33 3.76
N PRO B 89 28.30 -3.19 2.44
CA PRO B 89 27.17 -2.40 1.96
C PRO B 89 25.82 -2.96 2.45
N PRO B 90 25.10 -2.22 3.32
CA PRO B 90 23.83 -2.70 3.86
C PRO B 90 22.83 -3.06 2.76
N LEU B 91 22.14 -4.18 2.92
CA LEU B 91 21.22 -4.66 1.89
C LEU B 91 19.88 -3.94 1.95
N LEU B 92 19.47 -3.39 0.80
CA LEU B 92 18.14 -2.78 0.66
C LEU B 92 17.16 -3.87 0.25
N ASN B 93 16.26 -4.25 1.17
CA ASN B 93 15.39 -5.41 0.93
C ASN B 93 14.09 -5.40 1.72
N ASN B 94 13.42 -4.24 1.75
CA ASN B 94 12.06 -4.14 2.29
C ASN B 94 11.41 -2.83 1.88
N ALA B 95 10.24 -2.53 2.47
CA ALA B 95 9.57 -1.25 2.23
C ALA B 95 10.37 -0.08 2.81
N ASP B 96 10.73 -0.18 4.09
CA ASP B 96 11.43 0.91 4.78
C ASP B 96 12.76 1.28 4.12
N SER B 97 13.54 0.27 3.75
CA SER B 97 14.75 0.45 2.97
C SER B 97 14.49 1.39 1.80
N VAL B 98 13.39 1.15 1.09
CA VAL B 98 13.00 2.00 -0.03
C VAL B 98 12.55 3.36 0.50
N GLN B 99 11.54 3.36 1.37
CA GLN B 99 10.97 4.60 1.91
C GLN B 99 12.03 5.57 2.42
N ALA B 100 13.04 5.04 3.09
CA ALA B 100 14.15 5.83 3.61
C ALA B 100 15.00 6.44 2.49
N LYS B 101 15.36 5.62 1.51
CA LYS B 101 16.18 6.08 0.39
C LYS B 101 15.39 6.94 -0.60
N VAL B 102 14.06 6.85 -0.56
CA VAL B 102 13.20 7.70 -1.39
C VAL B 102 13.18 9.13 -0.84
N GLU B 103 12.90 9.25 0.47
CA GLU B 103 12.90 10.55 1.15
C GLU B 103 14.28 11.23 1.08
N MET B 104 15.34 10.43 0.92
CA MET B 104 16.68 10.96 0.69
C MET B 104 16.76 11.70 -0.65
N LEU B 105 16.44 11.00 -1.73
CA LEU B 105 16.56 11.56 -3.07
C LEU B 105 15.74 12.84 -3.24
N ASP B 106 14.56 12.88 -2.62
CA ASP B 106 13.74 14.10 -2.59
C ASP B 106 14.61 15.29 -2.23
N ASN B 107 15.33 15.15 -1.11
CA ASN B 107 16.24 16.19 -0.65
C ASN B 107 17.36 16.41 -1.66
N LEU B 108 18.03 15.33 -2.06
CA LEU B 108 19.12 15.42 -3.02
C LEU B 108 18.70 16.23 -4.24
N LEU B 109 17.46 16.05 -4.67
CA LEU B 109 16.90 16.82 -5.76
C LEU B 109 16.69 18.27 -5.36
N ASP B 110 16.10 18.49 -4.19
CA ASP B 110 15.86 19.84 -3.66
C ASP B 110 17.16 20.58 -3.35
N ILE B 111 18.17 19.84 -2.90
CA ILE B 111 19.48 20.41 -2.61
C ILE B 111 20.20 20.76 -3.90
N GLU B 112 20.11 19.89 -4.89
CA GLU B 112 20.70 20.14 -6.21
C GLU B 112 20.32 21.53 -6.70
N VAL B 113 19.03 21.85 -6.61
CA VAL B 113 18.51 23.14 -7.05
C VAL B 113 19.22 24.28 -6.31
N ALA B 114 19.25 24.20 -4.99
CA ALA B 114 19.89 25.24 -4.17
C ALA B 114 21.32 25.50 -4.64
N TYR B 115 22.10 24.43 -4.79
CA TYR B 115 23.47 24.56 -5.28
C TYR B 115 23.50 25.05 -6.73
N SER B 116 22.57 24.57 -7.53
CA SER B 116 22.42 25.01 -8.92
C SER B 116 22.12 26.51 -9.05
N LEU B 117 21.34 27.04 -8.12
CA LEU B 117 20.97 28.46 -8.17
C LEU B 117 22.13 29.36 -7.76
N LEU B 118 22.77 29.03 -6.63
CA LEU B 118 23.94 29.79 -6.17
C LEU B 118 24.97 30.00 -7.27
N ARG B 119 25.13 28.97 -8.09
CA ARG B 119 26.13 28.96 -9.16
C ARG B 119 25.58 29.46 -10.50
N GLY B 120 24.33 29.12 -10.79
CA GLY B 120 23.68 29.55 -12.04
C GLY B 120 23.17 30.97 -11.98
N GLY B 121 24.09 31.92 -11.98
CA GLY B 121 23.74 33.34 -11.90
C GLY B 121 24.91 34.23 -12.28
N SER B 122 24.74 35.54 -12.08
CA SER B 122 25.78 36.52 -12.38
C SER B 122 26.28 37.16 -11.09
N ASP B 123 27.58 37.11 -10.86
CA ASP B 123 28.19 37.64 -9.65
C ASP B 123 28.54 39.13 -9.81
N ASP B 124 28.62 39.82 -8.67
CA ASP B 124 28.89 41.24 -8.65
C ASP B 124 29.32 41.64 -7.24
N SER B 125 30.58 42.07 -7.10
CA SER B 125 31.14 42.41 -5.78
C SER B 125 30.57 43.70 -5.20
N SER B 126 30.09 44.59 -6.07
CA SER B 126 29.43 45.81 -5.64
C SER B 126 28.08 45.50 -4.99
N LYS B 127 27.30 44.64 -5.64
CA LYS B 127 25.99 44.25 -5.13
C LYS B 127 26.11 43.27 -3.97
N ASP B 128 25.06 43.21 -3.15
CA ASP B 128 25.07 42.43 -1.92
C ASP B 128 24.91 40.93 -2.23
N PRO B 129 25.71 40.08 -1.56
CA PRO B 129 25.53 38.63 -1.66
C PRO B 129 24.08 38.20 -1.47
N ILE B 130 23.40 38.79 -0.50
CA ILE B 130 22.01 38.44 -0.18
C ILE B 130 21.05 38.86 -1.29
N ASP B 131 20.97 40.16 -1.56
CA ASP B 131 20.05 40.69 -2.57
C ASP B 131 20.12 39.94 -3.91
N VAL B 132 21.32 39.55 -4.31
CA VAL B 132 21.53 38.77 -5.52
C VAL B 132 20.85 37.40 -5.40
N ASN B 133 20.97 36.79 -4.23
CA ASN B 133 20.34 35.49 -3.96
C ASN B 133 18.84 35.59 -3.72
N TYR B 134 18.38 36.72 -3.19
CA TYR B 134 16.95 36.99 -3.08
C TYR B 134 16.30 37.00 -4.46
N GLU B 135 16.97 37.62 -5.42
CA GLU B 135 16.52 37.65 -6.82
C GLU B 135 16.27 36.24 -7.36
N LYS B 136 17.20 35.33 -7.05
CA LYS B 136 17.12 33.96 -7.55
C LYS B 136 15.85 33.24 -7.14
N LEU B 137 15.31 33.56 -5.96
CA LEU B 137 14.16 32.84 -5.42
C LEU B 137 12.83 33.10 -6.13
N LYS B 138 12.74 34.17 -6.93
CA LYS B 138 11.49 34.55 -7.61
C LYS B 138 10.32 34.62 -6.63
N THR B 139 10.57 35.16 -5.44
CA THR B 139 9.57 35.20 -4.38
C THR B 139 9.55 36.57 -3.71
N ASP B 140 8.36 37.14 -3.57
CA ASP B 140 8.17 38.43 -2.93
C ASP B 140 7.89 38.22 -1.44
N ILE B 141 8.96 38.03 -0.67
CA ILE B 141 8.85 37.79 0.76
C ILE B 141 8.63 39.13 1.48
N LYS B 142 7.67 39.14 2.38
CA LYS B 142 7.34 40.33 3.16
C LYS B 142 7.20 39.91 4.62
N VAL B 143 7.76 40.72 5.52
CA VAL B 143 7.75 40.42 6.94
C VAL B 143 6.40 40.79 7.54
N VAL B 144 5.72 39.83 8.14
CA VAL B 144 4.42 40.06 8.74
C VAL B 144 4.61 40.89 10.00
N ASP B 145 3.71 41.85 10.22
CA ASP B 145 3.78 42.70 11.41
C ASP B 145 3.25 41.92 12.61
N ARG B 146 3.90 42.08 13.76
CA ARG B 146 3.61 41.26 14.93
C ARG B 146 2.18 41.46 15.47
N ASP B 147 1.60 42.63 15.23
CA ASP B 147 0.24 42.96 15.72
C ASP B 147 -0.87 42.46 14.81
N SER B 148 -0.75 42.74 13.50
CA SER B 148 -1.79 42.43 12.51
C SER B 148 -2.53 41.12 12.80
N GLU B 149 -3.86 41.17 12.80
CA GLU B 149 -4.69 40.01 13.20
C GLU B 149 -4.23 38.70 12.57
N GLU B 150 -3.78 38.76 11.32
CA GLU B 150 -3.28 37.57 10.61
C GLU B 150 -2.10 36.93 11.35
N ALA B 151 -1.28 37.75 12.00
CA ALA B 151 -0.23 37.24 12.87
C ALA B 151 -0.84 36.50 14.08
N GLU B 152 -1.82 37.14 14.72
CA GLU B 152 -2.49 36.55 15.88
C GLU B 152 -3.30 35.29 15.53
N ILE B 153 -3.82 35.24 14.31
CA ILE B 153 -4.45 34.01 13.82
C ILE B 153 -3.43 32.89 13.79
N ILE B 154 -2.27 33.15 13.20
CA ILE B 154 -1.21 32.15 13.05
C ILE B 154 -0.69 31.71 14.41
N ARG B 155 -0.42 32.67 15.29
CA ARG B 155 0.09 32.38 16.63
C ARG B 155 -0.77 31.33 17.34
N LYS B 156 -2.08 31.51 17.30
CA LYS B 156 -3.01 30.58 17.95
C LYS B 156 -3.07 29.23 17.23
N TYR B 157 -3.13 29.28 15.90
CA TYR B 157 -3.12 28.08 15.06
C TYR B 157 -1.89 27.22 15.38
N VAL B 158 -0.74 27.88 15.51
CA VAL B 158 0.49 27.21 15.93
C VAL B 158 0.37 26.76 17.39
N LYS B 159 -0.09 27.67 18.23
CA LYS B 159 -0.17 27.46 19.67
C LYS B 159 -1.01 26.24 20.06
N ASN B 160 -2.19 26.11 19.46
CA ASN B 160 -3.11 25.04 19.80
C ASN B 160 -2.74 23.68 19.21
N THR B 161 -2.39 23.67 17.92
CA THR B 161 -2.24 22.42 17.17
C THR B 161 -0.89 21.70 17.36
N HIS B 162 -0.31 21.83 18.55
CA HIS B 162 0.91 21.11 18.91
C HIS B 162 0.51 19.81 19.60
N ALA B 163 0.76 18.68 18.93
CA ALA B 163 0.29 17.38 19.39
C ALA B 163 0.96 16.89 20.66
N THR B 164 0.24 16.10 21.44
CA THR B 164 0.73 15.58 22.72
C THR B 164 1.73 14.43 22.54
N THR B 165 1.66 13.74 21.40
CA THR B 165 2.62 12.67 21.10
C THR B 165 3.98 13.21 20.67
N HIS B 166 4.02 14.46 20.22
CA HIS B 166 5.25 15.12 19.79
C HIS B 166 5.72 16.15 20.82
N ASN B 167 5.46 15.91 22.10
CA ASN B 167 5.75 16.89 23.15
C ASN B 167 7.19 16.88 23.68
N ALA B 168 8.02 15.97 23.16
CA ALA B 168 9.44 15.90 23.54
C ALA B 168 10.16 17.24 23.30
N TYR B 169 9.67 18.02 22.34
CA TYR B 169 10.10 19.40 22.12
C TYR B 169 8.90 20.32 22.30
N ASP B 170 9.14 21.63 22.20
CA ASP B 170 8.06 22.61 22.16
C ASP B 170 8.48 23.83 21.34
N LEU B 171 7.59 24.28 20.46
CA LEU B 171 7.92 25.29 19.47
C LEU B 171 7.50 26.67 19.93
N GLU B 172 8.22 27.67 19.41
CA GLU B 172 7.79 29.06 19.52
C GLU B 172 8.10 29.78 18.22
N VAL B 173 7.31 30.80 17.92
CA VAL B 173 7.47 31.55 16.68
C VAL B 173 8.59 32.57 16.84
N ILE B 174 9.46 32.64 15.83
CA ILE B 174 10.49 33.66 15.78
C ILE B 174 10.05 34.72 14.79
N ASP B 175 9.91 34.32 13.53
CA ASP B 175 9.54 35.22 12.45
C ASP B 175 8.40 34.64 11.64
N ILE B 176 7.65 35.52 10.99
CA ILE B 176 6.55 35.15 10.09
C ILE B 176 6.72 35.93 8.79
N PHE B 177 6.49 35.28 7.66
CA PHE B 177 6.70 35.92 6.35
C PHE B 177 5.53 35.68 5.40
N LYS B 178 4.87 36.76 5.01
CA LYS B 178 3.91 36.71 3.91
C LYS B 178 4.72 36.58 2.62
N ILE B 179 4.42 35.55 1.83
CA ILE B 179 5.18 35.29 0.60
C ILE B 179 4.26 35.08 -0.60
N GLU B 180 4.77 35.43 -1.77
CA GLU B 180 4.07 35.23 -3.04
C GLU B 180 5.10 34.92 -4.12
N ARG B 181 5.13 33.67 -4.58
CA ARG B 181 5.98 33.31 -5.70
C ARG B 181 5.41 33.89 -6.98
N GLU B 182 6.28 34.23 -7.93
CA GLU B 182 5.84 34.76 -9.21
C GLU B 182 5.00 33.73 -9.96
N GLY B 183 3.84 34.18 -10.46
CA GLY B 183 2.98 33.35 -11.28
C GLY B 183 2.13 32.34 -10.53
N GLU B 184 2.44 32.09 -9.26
CA GLU B 184 1.75 31.06 -8.48
C GLU B 184 0.25 31.33 -8.37
N CYS B 185 -0.12 32.61 -8.34
CA CYS B 185 -1.53 33.00 -8.26
C CYS B 185 -2.25 32.79 -9.61
N GLN B 186 -1.49 32.81 -10.70
CA GLN B 186 -2.03 32.48 -12.02
C GLN B 186 -2.44 31.01 -12.05
N ARG B 187 -1.59 30.17 -11.48
CA ARG B 187 -1.81 28.72 -11.44
C ARG B 187 -3.06 28.35 -10.64
N TYR B 188 -3.40 29.19 -9.66
CA TYR B 188 -4.50 28.93 -8.75
C TYR B 188 -5.87 29.37 -9.29
N LYS B 189 -5.89 30.17 -10.36
CA LYS B 189 -7.12 30.75 -10.91
C LYS B 189 -8.31 29.78 -11.08
N PRO B 190 -8.06 28.58 -11.65
CA PRO B 190 -9.16 27.62 -11.81
C PRO B 190 -9.71 27.12 -10.47
N PHE B 191 -8.82 26.97 -9.49
CA PHE B 191 -9.15 26.30 -8.24
C PHE B 191 -9.46 27.27 -7.10
N LYS B 192 -9.35 28.58 -7.35
CA LYS B 192 -9.43 29.56 -6.26
C LYS B 192 -10.80 29.63 -5.59
N GLN B 193 -11.86 29.28 -6.33
CA GLN B 193 -13.22 29.30 -5.80
C GLN B 193 -13.75 27.90 -5.47
N LEU B 194 -12.89 26.88 -5.55
CA LEU B 194 -13.31 25.50 -5.33
C LEU B 194 -13.79 25.30 -3.90
N HIS B 195 -14.75 24.39 -3.71
CA HIS B 195 -15.28 24.10 -2.38
C HIS B 195 -14.23 23.40 -1.54
N ASN B 196 -14.27 23.64 -0.24
CA ASN B 196 -13.30 23.10 0.70
C ASN B 196 -11.86 23.49 0.37
N ARG B 197 -11.51 24.72 0.72
CA ARG B 197 -10.15 25.22 0.62
C ARG B 197 -9.66 25.53 2.03
N ARG B 198 -8.48 25.00 2.38
CA ARG B 198 -7.95 25.14 3.73
C ARG B 198 -6.49 25.59 3.73
N LEU B 199 -6.08 26.14 4.87
CA LEU B 199 -4.69 26.54 5.10
C LEU B 199 -4.03 25.46 5.95
N LEU B 200 -2.91 24.92 5.48
CA LEU B 200 -2.30 23.75 6.11
C LEU B 200 -0.79 23.86 6.27
N TRP B 201 -0.26 23.03 7.16
CA TRP B 201 1.16 23.01 7.50
C TRP B 201 1.97 22.16 6.54
N HIS B 202 3.18 22.62 6.23
CA HIS B 202 4.09 21.89 5.38
C HIS B 202 5.52 22.24 5.80
N GLY B 203 6.17 21.30 6.47
CA GLY B 203 7.51 21.52 7.01
C GLY B 203 8.53 20.59 6.38
N SER B 204 9.55 21.18 5.75
CA SER B 204 10.64 20.41 5.17
C SER B 204 11.95 20.81 5.83
N ARG B 205 13.00 20.04 5.55
CA ARG B 205 14.34 20.35 6.04
C ARG B 205 14.77 21.73 5.58
N THR B 206 15.54 22.41 6.41
CA THR B 206 15.97 23.78 6.16
C THR B 206 16.56 23.97 4.76
N THR B 207 17.38 23.02 4.32
CA THR B 207 18.15 23.15 3.08
C THR B 207 17.31 23.10 1.79
N ASN B 208 16.12 22.51 1.86
CA ASN B 208 15.28 22.31 0.68
C ASN B 208 14.58 23.57 0.20
N PHE B 209 14.28 24.48 1.13
CA PHE B 209 13.44 25.65 0.86
C PHE B 209 13.82 26.48 -0.36
N ALA B 210 15.12 26.61 -0.61
CA ALA B 210 15.60 27.33 -1.79
C ALA B 210 14.89 26.86 -3.05
N GLY B 211 14.86 25.54 -3.25
CA GLY B 211 14.19 24.94 -4.41
C GLY B 211 12.67 25.00 -4.34
N ILE B 212 12.13 24.94 -3.13
CA ILE B 212 10.68 25.04 -2.93
C ILE B 212 10.17 26.44 -3.30
N LEU B 213 10.91 27.47 -2.91
CA LEU B 213 10.55 28.85 -3.23
C LEU B 213 10.79 29.18 -4.70
N SER B 214 11.79 28.53 -5.29
CA SER B 214 12.12 28.72 -6.70
C SER B 214 11.12 28.01 -7.61
N GLN B 215 10.99 26.70 -7.40
CA GLN B 215 10.19 25.84 -8.27
C GLN B 215 8.74 25.69 -7.81
N GLY B 216 8.44 26.12 -6.58
CA GLY B 216 7.17 25.78 -5.94
C GLY B 216 7.28 24.38 -5.37
N LEU B 217 6.26 23.95 -4.65
CA LEU B 217 6.21 22.56 -4.18
C LEU B 217 6.12 21.64 -5.37
N ARG B 218 6.67 20.44 -5.22
CA ARG B 218 6.74 19.51 -6.34
C ARG B 218 6.41 18.09 -5.94
N ILE B 219 5.79 17.37 -6.87
CA ILE B 219 5.52 15.95 -6.74
C ILE B 219 6.80 15.24 -7.18
N ALA B 220 6.97 13.99 -6.74
CA ALA B 220 8.11 13.18 -7.19
C ALA B 220 8.05 12.93 -8.70
N PRO B 221 9.22 12.67 -9.33
CA PRO B 221 9.25 12.55 -10.80
C PRO B 221 8.58 11.29 -11.35
N PRO B 222 8.57 11.14 -12.69
CA PRO B 222 8.13 9.90 -13.31
C PRO B 222 9.01 8.70 -12.93
N GLU B 223 10.32 8.94 -12.81
CA GLU B 223 11.28 7.86 -12.50
C GLU B 223 11.07 7.23 -11.12
N ALA B 224 10.54 8.01 -10.17
CA ALA B 224 10.44 7.57 -8.77
C ALA B 224 9.47 6.41 -8.56
N PRO B 225 9.69 5.62 -7.50
CA PRO B 225 8.77 4.55 -7.11
C PRO B 225 7.56 5.08 -6.34
N VAL B 226 6.41 4.43 -6.52
CA VAL B 226 5.18 4.87 -5.88
C VAL B 226 5.14 4.39 -4.42
N THR B 227 5.75 3.23 -4.15
CA THR B 227 5.72 2.63 -2.81
C THR B 227 6.68 3.29 -1.79
N GLY B 228 7.38 4.33 -2.22
CA GLY B 228 8.24 5.11 -1.31
C GLY B 228 7.47 6.03 -0.38
N TYR B 229 6.21 6.32 -0.71
CA TYR B 229 5.38 7.22 0.08
C TYR B 229 4.09 6.51 0.49
N MET B 230 3.56 6.88 1.67
CA MET B 230 2.37 6.24 2.23
C MET B 230 1.16 6.31 1.29
N PHE B 231 1.02 7.43 0.58
CA PHE B 231 -0.08 7.61 -0.37
C PHE B 231 0.41 8.02 -1.75
N GLY B 232 1.53 7.42 -2.18
CA GLY B 232 2.06 7.61 -3.52
C GLY B 232 2.62 9.01 -3.79
N LYS B 233 2.90 9.28 -5.05
CA LYS B 233 3.51 10.54 -5.46
C LYS B 233 2.46 11.66 -5.47
N GLY B 234 2.70 12.71 -4.68
CA GLY B 234 1.80 13.86 -4.62
C GLY B 234 2.43 15.03 -3.87
N ILE B 235 1.59 15.83 -3.21
CA ILE B 235 2.05 16.94 -2.37
C ILE B 235 1.38 16.83 -1.00
N TYR B 236 2.15 16.37 -0.01
CA TYR B 236 1.62 16.06 1.32
C TYR B 236 1.43 17.31 2.17
N PHE B 237 0.61 17.17 3.21
CA PHE B 237 0.27 18.27 4.12
C PHE B 237 -0.09 17.75 5.51
N ALA B 238 -0.43 18.67 6.41
CA ALA B 238 -0.98 18.33 7.72
C ALA B 238 -1.71 19.53 8.32
N ASP B 239 -2.72 19.26 9.15
CA ASP B 239 -3.43 20.32 9.88
C ASP B 239 -2.88 20.53 11.29
N MET B 240 -2.07 19.58 11.76
CA MET B 240 -1.35 19.73 13.02
C MET B 240 0.05 20.25 12.73
N VAL B 241 0.46 21.29 13.45
CA VAL B 241 1.73 21.95 13.17
C VAL B 241 2.96 21.13 13.59
N SER B 242 2.84 20.41 14.71
CA SER B 242 3.96 19.61 15.20
C SER B 242 4.28 18.48 14.23
N LYS B 243 3.24 17.89 13.64
CA LYS B 243 3.40 16.81 12.68
C LYS B 243 4.28 17.21 11.51
N SER B 244 3.94 18.34 10.87
CA SER B 244 4.74 18.87 9.76
C SER B 244 6.11 19.33 10.24
N ALA B 245 6.17 19.89 11.45
CA ALA B 245 7.42 20.39 12.02
C ALA B 245 8.46 19.29 12.22
N ASN B 246 8.01 18.05 12.40
CA ASN B 246 8.92 16.91 12.58
C ASN B 246 9.80 16.64 11.35
N TYR B 247 9.31 17.00 10.17
CA TYR B 247 10.06 16.81 8.93
C TYR B 247 11.03 17.96 8.63
N CYS B 248 11.08 18.97 9.50
CA CYS B 248 12.17 19.95 9.49
C CYS B 248 13.45 19.27 9.93
N HIS B 249 13.30 18.20 10.71
CA HIS B 249 14.42 17.39 11.18
C HIS B 249 15.45 18.26 11.84
N THR B 250 15.00 18.92 12.90
CA THR B 250 15.86 19.71 13.76
C THR B 250 16.41 18.81 14.87
N SER B 251 17.34 19.36 15.63
CA SER B 251 17.96 18.65 16.74
C SER B 251 18.59 19.70 17.66
N GLN B 252 19.30 19.25 18.70
CA GLN B 252 20.00 20.17 19.60
C GLN B 252 21.12 20.91 18.87
N GLY B 253 21.71 20.25 17.87
CA GLY B 253 22.75 20.86 17.03
C GLY B 253 22.23 21.82 15.98
N ASP B 254 20.93 21.73 15.67
CA ASP B 254 20.29 22.64 14.72
C ASP B 254 18.83 22.89 15.15
N PRO B 255 18.63 23.76 16.16
CA PRO B 255 17.28 24.02 16.65
C PRO B 255 16.46 25.00 15.81
N ILE B 256 17.08 25.61 14.80
CA ILE B 256 16.38 26.51 13.88
C ILE B 256 15.67 25.69 12.80
N GLY B 257 14.46 26.12 12.43
CA GLY B 257 13.68 25.42 11.40
C GLY B 257 12.72 26.33 10.66
N LEU B 258 12.20 25.83 9.54
CA LEU B 258 11.27 26.57 8.70
C LEU B 258 10.04 25.72 8.38
N ILE B 259 8.92 26.39 8.14
CA ILE B 259 7.67 25.69 7.83
C ILE B 259 6.68 26.62 7.13
N LEU B 260 5.91 26.06 6.20
CA LEU B 260 5.02 26.83 5.32
C LEU B 260 3.56 26.78 5.75
N LEU B 261 2.78 27.69 5.18
CA LEU B 261 1.33 27.70 5.30
C LEU B 261 0.71 27.92 3.93
N GLY B 262 0.28 26.83 3.31
CA GLY B 262 -0.26 26.88 1.96
C GLY B 262 -1.78 26.72 1.93
N GLU B 263 -2.42 27.50 1.07
CA GLU B 263 -3.84 27.31 0.78
C GLU B 263 -3.98 26.09 -0.12
N VAL B 264 -4.95 25.23 0.17
CA VAL B 264 -5.10 23.97 -0.54
C VAL B 264 -6.55 23.72 -0.93
N ALA B 265 -6.80 23.62 -2.23
CA ALA B 265 -8.12 23.29 -2.75
C ALA B 265 -8.38 21.79 -2.67
N LEU B 266 -8.88 21.35 -1.52
CA LEU B 266 -9.13 19.94 -1.28
C LEU B 266 -10.28 19.42 -2.15
N GLY B 267 -11.38 20.16 -2.18
CA GLY B 267 -12.55 19.77 -2.95
C GLY B 267 -13.12 18.45 -2.45
N ASN B 268 -13.64 17.65 -3.37
CA ASN B 268 -14.12 16.31 -3.03
C ASN B 268 -12.93 15.44 -2.60
N MET B 269 -13.01 14.89 -1.39
CA MET B 269 -11.88 14.20 -0.78
C MET B 269 -12.03 12.68 -0.79
N TYR B 270 -10.95 12.00 -1.16
CA TYR B 270 -10.89 10.54 -1.12
C TYR B 270 -10.31 10.13 0.23
N GLU B 271 -11.19 9.93 1.20
CA GLU B 271 -10.79 9.60 2.57
C GLU B 271 -10.23 8.20 2.67
N LEU B 272 -9.17 8.04 3.44
CA LEU B 272 -8.51 6.75 3.59
C LEU B 272 -7.93 6.53 4.99
N LYS B 273 -7.86 5.27 5.38
CA LYS B 273 -7.34 4.86 6.69
C LYS B 273 -5.92 4.30 6.63
N HIS B 274 -5.53 3.74 5.48
CA HIS B 274 -4.28 2.97 5.39
C HIS B 274 -3.49 3.28 4.12
N ALA B 275 -2.27 2.75 4.07
CA ALA B 275 -1.36 2.96 2.95
C ALA B 275 -2.02 2.59 1.62
N SER B 276 -1.97 3.52 0.68
CA SER B 276 -2.59 3.34 -0.63
C SER B 276 -1.73 4.00 -1.69
N HIS B 277 -0.79 3.22 -2.24
CA HIS B 277 0.20 3.75 -3.17
C HIS B 277 -0.42 3.86 -4.57
N ILE B 278 -0.58 5.10 -5.03
CA ILE B 278 -1.23 5.40 -6.31
C ILE B 278 -0.58 6.57 -7.04
N SER B 279 -0.89 6.71 -8.33
CA SER B 279 -0.47 7.86 -9.12
C SER B 279 -1.65 8.45 -9.92
N LYS B 280 -2.86 8.22 -9.42
CA LYS B 280 -4.08 8.70 -10.09
C LYS B 280 -5.30 8.40 -9.23
N LEU B 281 -6.14 9.42 -9.02
CA LEU B 281 -7.32 9.29 -8.17
C LEU B 281 -8.47 8.60 -8.90
N PRO B 282 -9.49 8.14 -8.14
CA PRO B 282 -10.74 7.77 -8.78
C PRO B 282 -11.46 9.01 -9.30
N LYS B 283 -12.25 8.86 -10.36
CA LYS B 283 -12.90 10.00 -11.00
C LYS B 283 -13.87 10.71 -10.03
N GLY B 284 -13.88 12.04 -10.11
CA GLY B 284 -14.68 12.86 -9.20
C GLY B 284 -13.87 13.43 -8.04
N LYS B 285 -12.78 12.75 -7.69
CA LYS B 285 -11.93 13.15 -6.57
C LYS B 285 -10.84 14.12 -7.00
N HIS B 286 -10.45 14.98 -6.07
CA HIS B 286 -9.45 16.02 -6.32
C HIS B 286 -8.26 15.88 -5.38
N SER B 287 -8.54 15.72 -4.08
CA SER B 287 -7.50 15.51 -3.08
C SER B 287 -7.76 14.24 -2.29
N VAL B 288 -6.75 13.86 -1.50
CA VAL B 288 -6.87 12.77 -0.55
C VAL B 288 -6.74 13.34 0.85
N LYS B 289 -7.61 12.91 1.75
CA LYS B 289 -7.49 13.23 3.16
C LYS B 289 -7.28 11.93 3.92
N GLY B 290 -6.13 11.78 4.54
CA GLY B 290 -5.89 10.66 5.44
C GLY B 290 -6.73 10.83 6.69
N LEU B 291 -7.52 9.82 7.03
CA LEU B 291 -8.42 9.90 8.19
C LEU B 291 -7.64 9.72 9.49
N GLY B 292 -7.37 10.83 10.15
CA GLY B 292 -6.61 10.83 11.40
C GLY B 292 -7.44 10.42 12.59
N LYS B 293 -6.78 9.84 13.58
CA LYS B 293 -7.39 9.50 14.86
C LYS B 293 -7.69 10.77 15.66
N THR B 294 -6.92 11.83 15.42
CA THR B 294 -7.09 13.10 16.09
C THR B 294 -7.43 14.17 15.06
N THR B 295 -8.28 15.13 15.45
CA THR B 295 -8.76 16.17 14.54
C THR B 295 -8.88 17.52 15.25
N PRO B 296 -8.48 18.62 14.57
CA PRO B 296 -8.78 19.96 15.07
C PRO B 296 -10.29 20.19 15.15
N ASP B 297 -10.76 20.60 16.33
CA ASP B 297 -12.19 20.78 16.61
C ASP B 297 -12.93 21.35 15.40
N PRO B 298 -13.94 20.62 14.88
CA PRO B 298 -14.73 21.09 13.73
C PRO B 298 -15.41 22.44 13.96
N SER B 299 -15.92 22.65 15.17
CA SER B 299 -16.64 23.89 15.50
C SER B 299 -15.71 25.08 15.83
N ALA B 300 -14.40 24.84 15.83
CA ALA B 300 -13.41 25.89 16.12
C ALA B 300 -12.69 26.40 14.87
N ASN B 301 -13.33 26.32 13.72
CA ASN B 301 -12.77 26.81 12.46
C ASN B 301 -13.17 28.26 12.22
N ILE B 302 -12.36 28.98 11.44
CA ILE B 302 -12.64 30.38 11.09
C ILE B 302 -12.24 30.69 9.65
N SER B 303 -12.65 31.85 9.16
CA SER B 303 -12.34 32.27 7.79
C SER B 303 -11.31 33.40 7.74
N LEU B 304 -10.23 33.17 7.00
CA LEU B 304 -9.31 34.22 6.57
C LEU B 304 -9.10 34.03 5.07
N ASP B 305 -9.25 35.10 4.29
CA ASP B 305 -9.23 35.05 2.81
C ASP B 305 -10.33 34.12 2.23
N GLY B 306 -11.42 33.94 2.97
CA GLY B 306 -12.48 33.01 2.59
C GLY B 306 -12.07 31.55 2.63
N VAL B 307 -10.94 31.27 3.28
CA VAL B 307 -10.35 29.93 3.32
C VAL B 307 -10.60 29.34 4.71
N ASP B 308 -10.84 28.03 4.76
CA ASP B 308 -11.12 27.35 6.01
C ASP B 308 -9.83 27.14 6.82
N VAL B 309 -9.64 27.95 7.86
CA VAL B 309 -8.48 27.85 8.73
C VAL B 309 -8.83 26.99 9.95
N PRO B 310 -8.28 25.76 10.03
CA PRO B 310 -8.65 24.86 11.11
C PRO B 310 -7.74 24.99 12.33
N LEU B 311 -8.10 25.87 13.26
CA LEU B 311 -7.25 26.15 14.43
C LEU B 311 -7.95 25.87 15.78
N GLY B 312 -8.47 24.65 15.91
CA GLY B 312 -9.08 24.20 17.17
C GLY B 312 -8.08 23.42 18.01
N THR B 313 -8.56 22.91 19.15
CA THR B 313 -7.77 22.04 20.00
C THR B 313 -7.86 20.60 19.47
N GLY B 314 -7.01 19.72 19.99
CA GLY B 314 -7.00 18.32 19.58
C GLY B 314 -8.10 17.51 20.25
N ILE B 315 -8.89 16.80 19.44
CA ILE B 315 -9.93 15.90 19.94
C ILE B 315 -9.91 14.59 19.16
N SER B 316 -10.59 13.59 19.69
CA SER B 316 -10.75 12.33 18.98
C SER B 316 -11.77 12.49 17.86
N SER B 317 -11.41 12.05 16.66
CA SER B 317 -12.30 12.10 15.51
C SER B 317 -13.41 11.06 15.64
N GLY B 318 -13.10 9.93 16.28
CA GLY B 318 -14.03 8.83 16.46
C GLY B 318 -13.95 7.82 15.33
N VAL B 319 -12.72 7.49 14.93
CA VAL B 319 -12.47 6.58 13.81
C VAL B 319 -11.79 5.30 14.32
N ASN B 320 -12.35 4.15 13.93
CA ASN B 320 -11.79 2.85 14.29
C ASN B 320 -10.79 2.37 13.26
N ASP B 321 -9.74 1.70 13.73
CA ASP B 321 -8.82 0.95 12.87
C ASP B 321 -8.18 1.80 11.77
N THR B 322 -7.57 2.90 12.17
CA THR B 322 -6.86 3.78 11.23
C THR B 322 -5.36 3.80 11.53
N SER B 323 -4.56 4.01 10.50
CA SER B 323 -3.10 4.03 10.62
C SER B 323 -2.55 5.42 10.96
N LEU B 324 -3.41 6.44 10.93
CA LEU B 324 -3.00 7.82 11.11
C LEU B 324 -3.45 8.37 12.46
N LEU B 325 -2.51 8.85 13.26
CA LEU B 325 -2.83 9.54 14.51
C LEU B 325 -3.51 10.87 14.24
N TYR B 326 -3.06 11.56 13.20
CA TYR B 326 -3.57 12.88 12.83
C TYR B 326 -3.82 12.95 11.33
N ASN B 327 -4.59 13.95 10.92
CA ASN B 327 -4.93 14.12 9.51
C ASN B 327 -3.71 14.57 8.72
N GLU B 328 -3.43 13.87 7.62
CA GLU B 328 -2.47 14.36 6.63
C GLU B 328 -3.14 14.35 5.28
N TYR B 329 -3.05 15.47 4.57
CA TYR B 329 -3.78 15.71 3.33
C TYR B 329 -2.79 15.64 2.18
N ILE B 330 -3.22 15.07 1.06
CA ILE B 330 -2.36 14.94 -0.12
C ILE B 330 -3.13 15.33 -1.38
N VAL B 331 -2.63 16.34 -2.09
CA VAL B 331 -3.16 16.69 -3.41
C VAL B 331 -2.21 16.16 -4.48
N TYR B 332 -2.77 15.86 -5.65
CA TYR B 332 -2.01 15.22 -6.72
C TYR B 332 -1.99 16.09 -7.97
N ASP B 333 -1.93 17.40 -7.76
CA ASP B 333 -1.90 18.37 -8.83
C ASP B 333 -1.29 19.66 -8.30
N ILE B 334 -0.06 19.94 -8.73
CA ILE B 334 0.67 21.16 -8.36
C ILE B 334 -0.22 22.42 -8.30
N ALA B 335 -1.15 22.52 -9.25
CA ALA B 335 -2.02 23.69 -9.38
C ALA B 335 -2.89 24.01 -8.15
N GLN B 336 -3.13 23.02 -7.30
CA GLN B 336 -3.99 23.20 -6.14
C GLN B 336 -3.26 23.69 -4.88
N VAL B 337 -2.06 24.24 -5.05
CA VAL B 337 -1.29 24.82 -3.94
C VAL B 337 -1.06 26.31 -4.18
N ASN B 338 -1.28 27.11 -3.13
CA ASN B 338 -0.91 28.53 -3.15
C ASN B 338 -0.26 28.90 -1.83
N LEU B 339 0.99 29.34 -1.90
CA LEU B 339 1.79 29.65 -0.71
C LEU B 339 1.44 31.04 -0.18
N LYS B 340 1.36 31.14 1.15
CA LYS B 340 0.87 32.35 1.81
C LYS B 340 1.79 32.82 2.92
N TYR B 341 2.16 31.92 3.83
CA TYR B 341 3.02 32.29 4.95
C TYR B 341 4.14 31.27 5.20
N LEU B 342 5.34 31.79 5.48
CA LEU B 342 6.49 30.98 5.87
C LEU B 342 6.97 31.45 7.25
N LEU B 343 7.06 30.51 8.19
CA LEU B 343 7.45 30.81 9.57
C LEU B 343 8.82 30.27 9.90
N LYS B 344 9.55 31.00 10.74
CA LYS B 344 10.81 30.55 11.32
C LYS B 344 10.56 30.26 12.79
N LEU B 345 10.91 29.05 13.23
CA LEU B 345 10.56 28.58 14.57
C LEU B 345 11.77 28.06 15.33
N LYS B 346 11.81 28.37 16.62
CA LYS B 346 12.79 27.78 17.52
C LYS B 346 12.20 26.51 18.12
N PHE B 347 12.90 25.40 17.93
CA PHE B 347 12.50 24.12 18.48
C PHE B 347 13.17 24.00 19.85
N ASN B 348 12.47 24.44 20.90
CA ASN B 348 12.99 24.33 22.25
C ASN B 348 12.77 22.91 22.77
N PHE B 349 13.85 22.17 22.96
CA PHE B 349 13.79 20.77 23.35
C PHE B 349 13.66 20.59 24.85
N LYS B 350 13.37 19.36 25.27
CA LYS B 350 13.61 18.91 26.64
C LYS B 350 14.80 17.95 26.55
N THR B 351 16.00 18.53 26.59
CA THR B 351 17.26 17.83 26.30
C THR B 351 17.40 16.50 27.05
C1 GOL C . -9.89 -13.50 2.50
O1 GOL C . -11.27 -13.28 2.24
C2 GOL C . -9.03 -12.67 1.55
O2 GOL C . -9.38 -12.95 0.19
C3 GOL C . -9.22 -11.18 1.84
O3 GOL C . -10.60 -10.85 2.07
S SO4 D . 2.03 -11.58 -10.08
O1 SO4 D . 1.04 -11.27 -11.12
O2 SO4 D . 2.51 -12.98 -10.26
O3 SO4 D . 3.18 -10.64 -10.20
O4 SO4 D . 1.42 -11.43 -8.74
S SO4 E . -16.91 7.95 -0.91
O1 SO4 E . -16.16 7.90 -2.18
O2 SO4 E . -18.36 7.82 -1.19
O3 SO4 E . -16.67 9.25 -0.23
O4 SO4 E . -16.47 6.86 -0.02
C1 GOL F . 7.80 14.70 -1.72
O1 GOL F . 8.45 14.25 -2.91
C2 GOL F . 6.30 14.86 -1.98
O2 GOL F . 5.64 15.36 -0.81
C3 GOL F . 5.71 13.51 -2.37
O3 GOL F . 5.97 13.26 -3.76
S SO4 G . 0.82 10.16 12.35
O1 SO4 G . 1.71 10.09 11.15
O2 SO4 G . 0.48 8.79 12.80
O3 SO4 G . -0.42 10.87 12.00
O4 SO4 G . 1.51 10.88 13.44
S SO4 H . 21.77 19.03 -16.35
O1 SO4 H . 21.21 20.28 -16.92
O2 SO4 H . 20.92 17.89 -16.76
O3 SO4 H . 21.78 19.12 -14.87
O4 SO4 H . 23.15 18.83 -16.84
S SO4 I . -8.57 29.93 24.17
O1 SO4 I . -9.98 29.90 23.73
O2 SO4 I . -7.79 28.95 23.37
O3 SO4 I . -8.49 29.58 25.61
O4 SO4 I . -8.02 31.28 23.95
S SO4 J . -14.15 17.64 6.79
O1 SO4 J . -14.21 17.98 5.34
O2 SO4 J . -14.60 16.24 6.98
O3 SO4 J . -12.77 17.78 7.27
O4 SO4 J . -15.04 18.55 7.55
N1 TP0 K . 9.14 19.13 -0.08
C3 TP0 K . 7.02 16.47 3.27
C4 TP0 K . 5.20 15.44 4.45
C5 TP0 K . 7.67 14.08 3.55
C6 TP0 K . 6.06 16.50 4.26
C7 TP0 K . 7.97 15.43 3.29
C8 TP0 K . 6.82 17.40 2.23
C10 TP0 K . 4.22 15.50 5.45
C11 TP0 K . 8.72 13.15 3.58
C12 TP0 K . 6.00 17.63 5.06
C13 TP0 K . 9.29 15.82 3.10
C14 TP0 K . 8.94 18.21 1.03
C15 TP0 K . 4.15 16.63 6.27
C16 TP0 K . 10.03 13.55 3.36
C17 TP0 K . 5.03 17.70 6.07
C18 TP0 K . 10.31 14.89 3.12
C19 TP0 K . 10.59 19.33 -0.22
C20 TP0 K . 8.60 18.68 -1.38
C21 TP0 K . 5.18 14.25 3.67
C22 TP0 K . 6.46 13.41 3.82
C29 TP0 K . 7.61 17.49 0.88
#